data_5W25
#
_entry.id   5W25
#
_cell.length_a   64.720
_cell.length_b   158.240
_cell.length_c   75.740
_cell.angle_alpha   90.000
_cell.angle_beta   93.770
_cell.angle_gamma   90.000
#
_symmetry.space_group_name_H-M   'P 1 21 1'
#
loop_
_entity.id
_entity.type
_entity.pdbx_description
1 polymer 'Aspartate--tRNA(Asp/Asn) ligase'
2 non-polymer 'ASPARTIC ACID'
3 non-polymer LYSINE
4 non-polymer 'GLUTAMIC ACID'
5 water water
#
_entity_poly.entity_id   1
_entity_poly.type   'polypeptide(L)'
_entity_poly.pdbx_seq_one_letter_code
;MGSSHHHHHHSSGLVPRGSHVFVLRSHAAGLLREGDAGQQVTLAGWVARRRDHGGVIFIDLRDASGIAQVVFRDPQDTEV
LAQAHRLRAEFCVSVAGVVEIRPEGNANPEIATGEIEVNATSLTVLGECAPLPFQLDEPAGEELRLKYRYLDLRRDDPAA
AIRLRSRVNAAARAVLARHDFVEIETPTITRSTPEGARDFLVPARLHPGSFYALPQSPQLFKQLLMVAGMERYYQIARCY
RDEDFRADRQPEFTQLDMEMSFVDAEDIIAISEEVLTELWALIGYRIPTPIPRIGYAEAMRRFGTDKPDLRFGLELVECT
DFFSDTTFRVFQAPYVGAVVMPGGASQPRRTLDGWQDWAKQRGHRGLAYVLVAEDGTLGGPVAKNLTEAERTGLADHVGA
KPGDCIFFSAGPVKSSRALLGAARVEIANRLGLIDPDAWAFVWVVDPPLFEPADEATAAGEVAVGSGAWTAVHHAFTAPK
PEWEDRIESDTGSVLADAYDIVCNGHEIGGGSVRIHRRDIQERVFAVMGLDKAEAEEKFGFLLEAFMFGAPPHGGIAFGW
DRTTALLAGMDSIREVIAFPKTGGGVDPLTDAPAPITAQQRKESGIDAQPKRVQQA
;
_entity_poly.pdbx_strand_id   A,B
#
# COMPACT_ATOMS: atom_id res chain seq x y z
N PHE A 22 -1.19 -26.69 24.83
CA PHE A 22 -1.31 -25.91 26.04
C PHE A 22 -0.98 -24.44 25.78
N VAL A 23 -0.32 -23.81 26.74
CA VAL A 23 0.16 -22.43 26.60
C VAL A 23 1.48 -22.49 25.83
N LEU A 24 1.42 -22.26 24.52
CA LEU A 24 2.61 -22.40 23.69
C LEU A 24 3.70 -21.40 24.09
N ARG A 25 3.30 -20.24 24.62
CA ARG A 25 4.28 -19.24 25.04
C ARG A 25 3.64 -18.34 26.09
N SER A 26 4.42 -18.02 27.13
CA SER A 26 4.01 -17.07 28.15
C SER A 26 5.05 -16.01 28.44
N HIS A 27 6.32 -16.24 28.14
CA HIS A 27 7.38 -15.26 28.33
C HIS A 27 8.14 -15.06 27.03
N ALA A 28 8.98 -14.03 27.00
CA ALA A 28 9.88 -13.78 25.90
C ALA A 28 11.28 -14.29 26.26
N ALA A 29 11.93 -14.93 25.30
CA ALA A 29 13.21 -15.57 25.57
C ALA A 29 14.30 -14.53 25.86
N GLY A 30 14.38 -13.49 25.04
CA GLY A 30 15.46 -12.52 25.17
C GLY A 30 15.29 -11.47 26.24
N LEU A 31 14.18 -11.49 26.99
CA LEU A 31 13.94 -10.49 28.01
C LEU A 31 14.23 -10.98 29.42
N LEU A 32 14.51 -12.27 29.60
CA LEU A 32 14.78 -12.81 30.91
C LEU A 32 16.05 -12.22 31.51
N ARG A 33 16.12 -12.23 32.84
CA ARG A 33 17.27 -11.69 33.55
C ARG A 33 17.48 -12.50 34.82
N GLU A 34 18.53 -12.14 35.57
CA GLU A 34 18.84 -12.86 36.80
C GLU A 34 17.76 -12.69 37.85
N GLY A 35 17.00 -11.60 37.78
CA GLY A 35 15.92 -11.38 38.71
C GLY A 35 14.65 -12.17 38.43
N ASP A 36 14.62 -12.91 37.32
CA ASP A 36 13.47 -13.72 36.95
C ASP A 36 13.68 -15.20 37.26
N ALA A 37 14.69 -15.53 38.06
CA ALA A 37 14.95 -16.93 38.40
C ALA A 37 13.85 -17.48 39.30
N GLY A 38 13.77 -18.81 39.35
CA GLY A 38 12.77 -19.46 40.16
C GLY A 38 11.35 -19.27 39.68
N GLN A 39 11.16 -19.00 38.39
CA GLN A 39 9.84 -18.77 37.82
C GLN A 39 9.55 -19.84 36.77
N GLN A 40 8.39 -20.48 36.87
CA GLN A 40 7.98 -21.49 35.92
C GLN A 40 7.50 -20.80 34.66
N VAL A 41 8.31 -20.84 33.59
CA VAL A 41 7.99 -20.18 32.34
C VAL A 41 7.86 -21.23 31.25
N THR A 42 7.17 -20.84 30.18
CA THR A 42 7.10 -21.63 28.96
C THR A 42 7.43 -20.72 27.78
N LEU A 43 8.40 -21.13 26.98
CA LEU A 43 8.90 -20.32 25.87
C LEU A 43 8.55 -20.98 24.54
N ALA A 44 8.60 -20.18 23.48
CA ALA A 44 8.37 -20.65 22.13
C ALA A 44 9.30 -19.90 21.18
N GLY A 45 9.90 -20.65 20.26
CA GLY A 45 10.82 -20.05 19.31
C GLY A 45 11.55 -21.13 18.52
N TRP A 46 12.69 -20.74 17.97
CA TRP A 46 13.51 -21.62 17.14
C TRP A 46 14.80 -21.97 17.87
N VAL A 47 15.35 -23.14 17.53
CA VAL A 47 16.61 -23.59 18.11
C VAL A 47 17.74 -22.97 17.29
N ALA A 48 18.49 -22.05 17.91
CA ALA A 48 19.60 -21.41 17.21
C ALA A 48 20.79 -22.35 17.09
N ARG A 49 21.13 -23.05 18.18
CA ARG A 49 22.22 -24.02 18.16
C ARG A 49 21.96 -25.05 19.25
N ARG A 50 22.60 -26.21 19.09
CA ARG A 50 22.53 -27.29 20.06
C ARG A 50 23.93 -27.85 20.29
N ARG A 51 24.29 -28.05 21.56
CA ARG A 51 25.58 -28.60 21.92
C ARG A 51 25.39 -29.57 23.08
N ASP A 52 25.80 -30.81 22.90
CA ASP A 52 25.72 -31.83 23.95
C ASP A 52 27.05 -31.88 24.70
N HIS A 53 26.97 -31.83 26.04
CA HIS A 53 28.15 -31.83 26.90
C HIS A 53 27.92 -32.84 28.03
N GLY A 54 28.53 -34.01 27.92
CA GLY A 54 28.42 -35.02 28.94
C GLY A 54 27.03 -35.59 29.12
N GLY A 55 26.25 -35.68 28.04
CA GLY A 55 24.91 -36.21 28.11
C GLY A 55 23.82 -35.18 28.34
N VAL A 56 24.19 -33.93 28.59
CA VAL A 56 23.22 -32.85 28.80
C VAL A 56 23.08 -32.07 27.50
N ILE A 57 21.84 -31.82 27.09
CA ILE A 57 21.54 -31.13 25.84
C ILE A 57 21.36 -29.65 26.13
N PHE A 58 22.19 -28.82 25.52
CA PHE A 58 22.11 -27.36 25.63
C PHE A 58 21.62 -26.79 24.32
N ILE A 59 20.60 -25.93 24.38
CA ILE A 59 20.05 -25.31 23.18
C ILE A 59 19.98 -23.80 23.39
N ASP A 60 20.12 -23.07 22.29
CA ASP A 60 19.90 -21.63 22.26
C ASP A 60 18.54 -21.38 21.63
N LEU A 61 17.57 -20.98 22.45
CA LEU A 61 16.19 -20.78 21.99
C LEU A 61 15.99 -19.33 21.59
N ARG A 62 15.63 -19.11 20.34
CA ARG A 62 15.52 -17.77 19.77
C ARG A 62 14.08 -17.48 19.38
N ASP A 63 13.55 -16.35 19.84
CA ASP A 63 12.32 -15.78 19.32
C ASP A 63 12.62 -14.39 18.77
N ALA A 64 11.57 -13.61 18.52
CA ALA A 64 11.75 -12.28 17.97
C ALA A 64 12.36 -11.29 18.96
N SER A 65 12.42 -11.65 20.25
CA SER A 65 12.94 -10.76 21.27
C SER A 65 14.40 -11.02 21.63
N GLY A 66 14.90 -12.22 21.38
CA GLY A 66 16.28 -12.54 21.72
C GLY A 66 16.46 -14.03 21.89
N ILE A 67 17.55 -14.39 22.56
CA ILE A 67 17.95 -15.78 22.74
C ILE A 67 18.16 -16.06 24.22
N ALA A 68 17.66 -17.20 24.68
CA ALA A 68 17.91 -17.71 26.03
C ALA A 68 18.34 -19.17 25.92
N GLN A 69 19.09 -19.63 26.92
CA GLN A 69 19.60 -20.98 26.94
C GLN A 69 18.69 -21.88 27.78
N VAL A 70 18.40 -23.07 27.24
CA VAL A 70 17.55 -24.05 27.90
C VAL A 70 18.33 -25.36 28.03
N VAL A 71 18.24 -25.99 29.20
CA VAL A 71 19.00 -27.19 29.50
C VAL A 71 18.05 -28.32 29.86
N PHE A 72 18.53 -29.55 29.69
CA PHE A 72 17.81 -30.75 30.07
C PHE A 72 18.67 -31.55 31.04
N ARG A 73 18.17 -31.77 32.25
CA ARG A 73 18.96 -32.46 33.26
C ARG A 73 18.55 -33.91 33.45
N ASP A 74 18.40 -34.33 34.70
CA ASP A 74 18.00 -35.70 34.99
C ASP A 74 16.63 -35.97 34.36
N PRO A 75 16.39 -37.17 33.85
CA PRO A 75 15.14 -37.42 33.12
C PRO A 75 13.92 -37.27 34.00
N GLN A 76 13.45 -36.03 34.15
CA GLN A 76 12.17 -35.80 34.82
C GLN A 76 11.06 -36.54 34.12
N ASP A 77 11.08 -36.56 32.78
CA ASP A 77 10.22 -37.41 31.97
C ASP A 77 11.08 -38.00 30.87
N THR A 78 11.08 -39.33 30.77
CA THR A 78 11.91 -40.01 29.77
C THR A 78 11.48 -39.66 28.34
N GLU A 79 10.22 -39.26 28.14
CA GLU A 79 9.76 -38.89 26.80
C GLU A 79 10.36 -37.57 26.32
N VAL A 80 10.76 -36.70 27.24
CA VAL A 80 11.33 -35.41 26.85
C VAL A 80 12.67 -35.61 26.16
N LEU A 81 13.52 -36.47 26.72
CA LEU A 81 14.84 -36.68 26.15
C LEU A 81 14.77 -37.40 24.82
N ALA A 82 13.71 -38.18 24.58
CA ALA A 82 13.51 -38.78 23.27
C ALA A 82 13.26 -37.72 22.20
N GLN A 83 12.60 -36.62 22.57
CA GLN A 83 12.38 -35.50 21.67
C GLN A 83 13.53 -34.51 21.70
N ALA A 84 14.17 -34.32 22.86
CA ALA A 84 15.29 -33.40 22.95
C ALA A 84 16.47 -33.86 22.11
N HIS A 85 16.63 -35.17 21.92
CA HIS A 85 17.68 -35.67 21.04
C HIS A 85 17.36 -35.43 19.56
N ARG A 86 16.10 -35.12 19.23
CA ARG A 86 15.75 -34.79 17.86
C ARG A 86 16.08 -33.35 17.50
N LEU A 87 16.24 -32.48 18.48
CA LEU A 87 16.39 -31.06 18.22
C LEU A 87 17.64 -30.78 17.39
N ARG A 88 17.50 -29.97 16.35
CA ARG A 88 18.59 -29.60 15.47
C ARG A 88 18.50 -28.10 15.19
N ALA A 89 19.27 -27.62 14.23
CA ALA A 89 19.29 -26.20 13.91
C ALA A 89 17.95 -25.78 13.32
N GLU A 90 17.43 -24.65 13.82
CA GLU A 90 16.20 -24.02 13.34
C GLU A 90 14.97 -24.88 13.58
N PHE A 91 15.03 -25.81 14.54
CA PHE A 91 13.83 -26.53 14.96
C PHE A 91 12.90 -25.58 15.69
N CYS A 92 11.64 -25.55 15.30
CA CYS A 92 10.63 -24.74 15.96
C CYS A 92 10.00 -25.55 17.09
N VAL A 93 10.20 -25.10 18.32
CA VAL A 93 9.80 -25.86 19.50
C VAL A 93 9.07 -24.97 20.48
N SER A 94 8.37 -25.61 21.41
CA SER A 94 7.75 -24.97 22.56
C SER A 94 8.27 -25.67 23.81
N VAL A 95 8.98 -24.93 24.66
CA VAL A 95 9.66 -25.50 25.83
C VAL A 95 9.06 -24.89 27.09
N ALA A 96 8.83 -25.73 28.09
CA ALA A 96 8.37 -25.30 29.40
C ALA A 96 9.39 -25.75 30.44
N GLY A 97 9.87 -24.82 31.24
CA GLY A 97 10.89 -25.11 32.24
C GLY A 97 10.78 -24.17 33.42
N VAL A 98 11.92 -23.96 34.09
CA VAL A 98 11.99 -23.10 35.26
C VAL A 98 13.27 -22.27 35.16
N VAL A 99 13.14 -20.95 35.21
CA VAL A 99 14.30 -20.08 35.09
C VAL A 99 15.18 -20.22 36.32
N GLU A 100 16.47 -20.49 36.11
CA GLU A 100 17.44 -20.64 37.17
C GLU A 100 18.70 -19.86 36.79
N ILE A 101 19.65 -19.80 37.73
CA ILE A 101 20.92 -19.14 37.50
C ILE A 101 21.93 -20.17 37.01
N ARG A 102 22.64 -19.84 35.93
CA ARG A 102 23.63 -20.76 35.40
C ARG A 102 24.77 -20.92 36.40
N PRO A 103 25.35 -22.12 36.50
CA PRO A 103 26.44 -22.34 37.46
C PRO A 103 27.64 -21.46 37.14
N GLU A 104 28.49 -21.27 38.14
CA GLU A 104 29.68 -20.45 37.99
C GLU A 104 30.60 -21.04 36.92
N GLY A 105 31.00 -20.20 35.98
CA GLY A 105 31.80 -20.64 34.86
C GLY A 105 31.04 -20.80 33.55
N ASN A 106 29.72 -20.63 33.58
CA ASN A 106 28.89 -20.75 32.38
C ASN A 106 28.20 -19.44 32.04
N ALA A 107 28.70 -18.31 32.54
CA ALA A 107 28.10 -17.01 32.26
C ALA A 107 28.60 -16.49 30.91
N ASN A 108 27.67 -15.94 30.13
CA ASN A 108 27.99 -15.40 28.80
C ASN A 108 27.86 -13.88 28.82
N PRO A 109 28.96 -13.13 29.00
CA PRO A 109 28.86 -11.67 29.03
C PRO A 109 28.46 -11.05 27.70
N GLU A 110 28.47 -11.82 26.60
CA GLU A 110 28.09 -11.29 25.30
C GLU A 110 26.59 -11.28 25.06
N ILE A 111 25.86 -12.24 25.61
CA ILE A 111 24.41 -12.34 25.43
C ILE A 111 23.72 -11.52 26.50
N ALA A 112 22.55 -10.97 26.15
CA ALA A 112 21.74 -10.24 27.13
C ALA A 112 21.36 -11.14 28.30
N THR A 113 20.83 -12.33 28.00
CA THR A 113 20.51 -13.32 29.03
C THR A 113 21.77 -14.12 29.36
N GLY A 114 22.71 -13.45 30.01
CA GLY A 114 24.03 -14.02 30.21
C GLY A 114 24.11 -15.02 31.35
N GLU A 115 23.34 -14.83 32.41
CA GLU A 115 23.41 -15.66 33.61
C GLU A 115 22.04 -16.20 33.97
N ILE A 116 21.48 -17.02 33.07
CA ILE A 116 20.17 -17.64 33.30
C ILE A 116 20.03 -18.81 32.35
N GLU A 117 19.34 -19.85 32.80
CA GLU A 117 19.04 -21.01 31.97
C GLU A 117 17.72 -21.60 32.42
N VAL A 118 17.07 -22.31 31.51
CA VAL A 118 15.73 -22.87 31.74
C VAL A 118 15.88 -24.38 31.93
N ASN A 119 15.61 -24.86 33.14
CA ASN A 119 15.59 -26.29 33.42
C ASN A 119 14.26 -26.85 32.92
N ALA A 120 14.28 -27.41 31.71
CA ALA A 120 13.05 -27.82 31.05
C ALA A 120 12.39 -29.01 31.76
N THR A 121 11.07 -29.07 31.66
CA THR A 121 10.27 -30.20 32.12
C THR A 121 9.42 -30.80 31.02
N SER A 122 8.83 -29.96 30.17
CA SER A 122 8.09 -30.40 29.00
C SER A 122 8.77 -29.88 27.74
N LEU A 123 8.48 -30.53 26.62
CA LEU A 123 9.05 -30.14 25.33
C LEU A 123 8.16 -30.65 24.22
N THR A 124 7.79 -29.77 23.30
CA THR A 124 6.92 -30.11 22.18
C THR A 124 7.54 -29.59 20.89
N VAL A 125 7.65 -30.47 19.90
CA VAL A 125 8.18 -30.11 18.59
C VAL A 125 7.03 -29.60 17.75
N LEU A 126 7.03 -28.28 17.50
CA LEU A 126 5.95 -27.67 16.71
C LEU A 126 6.22 -27.77 15.22
N GLY A 127 7.49 -27.81 14.83
CA GLY A 127 7.85 -27.90 13.42
C GLY A 127 9.25 -28.41 13.20
N GLU A 128 9.38 -29.64 12.69
CA GLU A 128 10.67 -30.21 12.40
C GLU A 128 11.35 -29.44 11.26
N CYS A 129 12.67 -29.33 11.34
CA CYS A 129 13.46 -28.57 10.38
C CYS A 129 14.45 -29.49 9.68
N ALA A 130 14.39 -29.51 8.36
CA ALA A 130 15.34 -30.27 7.57
C ALA A 130 16.70 -29.58 7.60
N PRO A 131 17.77 -30.27 7.20
CA PRO A 131 19.08 -29.61 7.07
C PRO A 131 18.99 -28.39 6.17
N LEU A 132 19.47 -27.27 6.68
CA LEU A 132 19.23 -25.98 6.05
C LEU A 132 20.00 -25.87 4.72
N PRO A 133 19.48 -25.09 3.77
CA PRO A 133 20.28 -24.76 2.58
C PRO A 133 21.53 -23.97 2.92
N PHE A 134 21.47 -23.15 3.96
CA PHE A 134 22.64 -22.41 4.45
C PHE A 134 22.42 -22.12 5.93
N GLN A 135 23.51 -22.17 6.70
CA GLN A 135 23.43 -21.79 8.10
C GLN A 135 23.24 -20.28 8.23
N LEU A 136 22.61 -19.87 9.33
CA LEU A 136 22.30 -18.46 9.53
C LEU A 136 23.53 -17.62 9.85
N ASP A 137 24.69 -18.24 10.07
CA ASP A 137 25.91 -17.49 10.36
C ASP A 137 26.80 -17.30 9.14
N GLU A 138 26.74 -18.20 8.16
CA GLU A 138 27.52 -18.09 6.95
C GLU A 138 26.61 -17.63 5.82
N PRO A 139 26.63 -16.34 5.45
CA PRO A 139 25.71 -15.86 4.41
C PRO A 139 25.97 -16.51 3.07
N ALA A 140 24.95 -16.50 2.22
CA ALA A 140 24.98 -17.14 0.91
C ALA A 140 24.91 -16.08 -0.19
N GLY A 141 24.80 -16.54 -1.43
CA GLY A 141 24.74 -15.67 -2.58
C GLY A 141 23.38 -15.03 -2.74
N GLU A 142 23.22 -14.36 -3.89
CA GLU A 142 21.98 -13.64 -4.17
C GLU A 142 20.83 -14.61 -4.42
N GLU A 143 21.04 -15.60 -5.29
CA GLU A 143 19.97 -16.52 -5.66
C GLU A 143 19.53 -17.36 -4.48
N LEU A 144 20.48 -17.76 -3.62
CA LEU A 144 20.13 -18.62 -2.48
C LEU A 144 19.41 -17.83 -1.39
N ARG A 145 19.84 -16.60 -1.12
CA ARG A 145 19.18 -15.80 -0.09
C ARG A 145 17.76 -15.41 -0.50
N LEU A 146 17.50 -15.25 -1.80
CA LEU A 146 16.15 -14.90 -2.22
C LEU A 146 15.27 -16.14 -2.34
N LYS A 147 15.83 -17.27 -2.79
CA LYS A 147 15.06 -18.51 -2.86
C LYS A 147 14.60 -18.95 -1.47
N TYR A 148 15.41 -18.68 -0.45
CA TYR A 148 15.03 -19.01 0.92
C TYR A 148 15.00 -17.75 1.78
N ARG A 149 14.26 -16.74 1.30
CA ARG A 149 14.19 -15.46 2.00
C ARG A 149 13.60 -15.59 3.39
N TYR A 150 12.65 -16.52 3.57
CA TYR A 150 12.06 -16.73 4.89
C TYR A 150 13.10 -17.22 5.89
N LEU A 151 14.14 -17.91 5.42
CA LEU A 151 15.25 -18.26 6.31
C LEU A 151 16.24 -17.11 6.44
N ASP A 152 16.45 -16.35 5.37
CA ASP A 152 17.33 -15.19 5.44
C ASP A 152 16.77 -14.13 6.38
N LEU A 153 15.44 -13.96 6.40
CA LEU A 153 14.81 -13.01 7.30
C LEU A 153 14.92 -13.41 8.76
N ARG A 154 15.34 -14.64 9.06
CA ARG A 154 15.57 -15.04 10.44
C ARG A 154 16.89 -14.48 10.98
N ARG A 155 17.79 -14.05 10.11
CA ARG A 155 19.04 -13.46 10.55
C ARG A 155 18.80 -12.12 11.24
N ASP A 156 19.80 -11.65 11.97
CA ASP A 156 19.63 -10.46 12.79
C ASP A 156 19.48 -9.21 11.93
N ASP A 157 20.36 -9.03 10.94
CA ASP A 157 20.35 -7.79 10.16
C ASP A 157 19.13 -7.69 9.25
N PRO A 158 18.75 -8.71 8.47
CA PRO A 158 17.54 -8.57 7.64
C PRO A 158 16.27 -8.36 8.46
N ALA A 159 16.17 -9.00 9.63
CA ALA A 159 14.98 -8.82 10.47
C ALA A 159 14.88 -7.38 10.98
N ALA A 160 15.99 -6.83 11.49
CA ALA A 160 15.97 -5.46 11.97
C ALA A 160 15.71 -4.46 10.85
N ALA A 161 16.06 -4.81 9.62
CA ALA A 161 15.81 -3.92 8.50
C ALA A 161 14.32 -3.85 8.16
N ILE A 162 13.65 -5.00 8.18
CA ILE A 162 12.21 -5.03 7.89
C ILE A 162 11.43 -4.36 9.01
N ARG A 163 11.81 -4.62 10.26
CA ARG A 163 11.11 -4.01 11.38
C ARG A 163 11.36 -2.51 11.47
N LEU A 164 12.51 -2.05 10.96
CA LEU A 164 12.77 -0.61 10.91
C LEU A 164 11.88 0.08 9.89
N ARG A 165 11.63 -0.58 8.76
CA ARG A 165 10.77 0.00 7.73
C ARG A 165 9.36 0.25 8.24
N SER A 166 8.91 -0.56 9.21
CA SER A 166 7.60 -0.32 9.81
C SER A 166 7.60 0.97 10.62
N ARG A 167 8.68 1.24 11.35
CA ARG A 167 8.78 2.49 12.09
C ARG A 167 9.00 3.68 11.17
N VAL A 168 9.58 3.45 9.99
CA VAL A 168 9.77 4.53 9.02
C VAL A 168 8.42 4.98 8.48
N ASN A 169 7.53 4.04 8.19
CA ASN A 169 6.18 4.39 7.75
C ASN A 169 5.44 5.17 8.84
N ALA A 170 5.53 4.69 10.09
CA ALA A 170 4.85 5.38 11.19
C ALA A 170 5.43 6.77 11.43
N ALA A 171 6.73 6.94 11.22
CA ALA A 171 7.34 8.26 11.40
C ALA A 171 6.83 9.24 10.34
N ALA A 172 6.69 8.79 9.09
CA ALA A 172 6.16 9.65 8.05
C ALA A 172 4.69 9.96 8.27
N ARG A 173 3.91 8.95 8.69
CA ARG A 173 2.50 9.18 8.96
C ARG A 173 2.29 10.11 10.14
N ALA A 174 3.23 10.13 11.10
CA ALA A 174 3.07 10.98 12.26
C ALA A 174 3.24 12.46 11.90
N VAL A 175 4.15 12.76 10.98
CA VAL A 175 4.34 14.15 10.55
C VAL A 175 3.14 14.64 9.77
N LEU A 176 2.68 13.84 8.80
CA LEU A 176 1.57 14.26 7.95
C LEU A 176 0.26 14.31 8.72
N ALA A 177 0.09 13.44 9.73
CA ALA A 177 -1.11 13.52 10.57
C ALA A 177 -1.11 14.79 11.41
N ARG A 178 0.07 15.31 11.76
CA ARG A 178 0.14 16.57 12.48
C ARG A 178 -0.25 17.76 11.61
N HIS A 179 -0.21 17.60 10.29
CA HIS A 179 -0.52 18.68 9.37
C HIS A 179 -1.84 18.47 8.63
N ASP A 180 -2.75 17.69 9.21
CA ASP A 180 -4.10 17.50 8.69
C ASP A 180 -4.10 16.89 7.29
N PHE A 181 -3.09 16.09 6.97
CA PHE A 181 -3.09 15.36 5.72
C PHE A 181 -4.11 14.22 5.76
N VAL A 182 -4.55 13.80 4.59
CA VAL A 182 -5.53 12.73 4.44
C VAL A 182 -4.88 11.59 3.67
N GLU A 183 -4.94 10.38 4.23
CA GLU A 183 -4.46 9.20 3.54
C GLU A 183 -5.54 8.69 2.59
N ILE A 184 -5.23 8.67 1.30
CA ILE A 184 -6.19 8.28 0.28
C ILE A 184 -5.55 7.25 -0.64
N GLU A 185 -6.22 6.10 -0.79
CA GLU A 185 -5.76 5.06 -1.70
C GLU A 185 -6.26 5.34 -3.11
N THR A 186 -5.37 5.18 -4.08
CA THR A 186 -5.67 5.42 -5.48
C THR A 186 -5.69 4.12 -6.27
N PRO A 187 -6.44 4.05 -7.37
CA PRO A 187 -6.53 2.79 -8.12
C PRO A 187 -5.19 2.35 -8.67
N THR A 188 -4.96 1.04 -8.66
CA THR A 188 -3.81 0.43 -9.31
C THR A 188 -4.16 -0.31 -10.59
N ILE A 189 -5.44 -0.47 -10.88
CA ILE A 189 -5.91 -1.03 -12.14
C ILE A 189 -6.66 0.10 -12.85
N THR A 190 -5.96 0.82 -13.73
CA THR A 190 -6.54 2.04 -14.27
C THR A 190 -5.79 2.42 -15.56
N ARG A 191 -5.64 3.72 -15.79
CA ARG A 191 -5.07 4.28 -17.00
C ARG A 191 -3.55 4.40 -16.89
N SER A 192 -2.91 4.63 -18.03
CA SER A 192 -1.46 4.81 -18.05
C SER A 192 -1.07 6.17 -17.51
N THR A 193 0.07 6.22 -16.83
CA THR A 193 0.62 7.46 -16.29
C THR A 193 2.06 7.57 -16.75
N PRO A 194 2.43 8.63 -17.46
CA PRO A 194 3.80 8.74 -17.99
C PRO A 194 4.77 9.20 -16.90
N GLU A 195 5.83 8.41 -16.70
CA GLU A 195 6.92 8.80 -15.81
C GLU A 195 8.29 8.58 -16.43
N GLY A 196 8.37 8.22 -17.70
CA GLY A 196 9.63 7.93 -18.35
C GLY A 196 9.93 6.47 -18.55
N ALA A 197 8.99 5.58 -18.26
CA ALA A 197 9.20 4.14 -18.35
C ALA A 197 8.05 3.50 -19.12
N ARG A 198 8.13 2.19 -19.30
CA ARG A 198 7.07 1.42 -19.93
C ARG A 198 6.06 0.97 -18.89
N ASP A 199 4.82 0.82 -19.34
CA ASP A 199 3.72 0.44 -18.46
C ASP A 199 3.62 -1.08 -18.33
N PHE A 200 3.20 -1.52 -17.16
CA PHE A 200 2.80 -2.91 -16.96
C PHE A 200 1.32 -3.04 -17.29
N LEU A 201 0.98 -4.04 -18.11
CA LEU A 201 -0.36 -4.16 -18.65
C LEU A 201 -1.12 -5.30 -17.97
N VAL A 202 -2.44 -5.15 -17.93
CA VAL A 202 -3.34 -6.16 -17.37
C VAL A 202 -4.47 -6.37 -18.37
N PRO A 203 -4.68 -7.59 -18.87
CA PRO A 203 -5.75 -7.80 -19.85
C PRO A 203 -7.12 -7.72 -19.19
N ALA A 204 -8.03 -7.02 -19.85
CA ALA A 204 -9.41 -6.91 -19.37
C ALA A 204 -10.19 -8.14 -19.83
N ARG A 205 -10.68 -8.92 -18.87
CA ARG A 205 -11.42 -10.13 -19.21
C ARG A 205 -12.73 -9.81 -19.90
N LEU A 206 -13.52 -8.90 -19.32
CA LEU A 206 -14.79 -8.48 -19.89
C LEU A 206 -14.64 -7.43 -20.99
N HIS A 207 -13.46 -7.31 -21.59
CA HIS A 207 -13.19 -6.38 -22.67
C HIS A 207 -12.03 -6.90 -23.51
N PRO A 208 -12.28 -7.81 -24.44
CA PRO A 208 -11.18 -8.37 -25.24
C PRO A 208 -10.51 -7.32 -26.10
N GLY A 209 -9.18 -7.29 -26.06
CA GLY A 209 -8.38 -6.36 -26.83
C GLY A 209 -7.93 -5.15 -26.04
N SER A 210 -8.66 -4.77 -25.00
CA SER A 210 -8.30 -3.63 -24.17
C SER A 210 -7.49 -4.08 -22.97
N PHE A 211 -6.60 -3.21 -22.52
CA PHE A 211 -5.70 -3.51 -21.41
C PHE A 211 -5.75 -2.40 -20.36
N TYR A 212 -5.75 -2.80 -19.10
CA TYR A 212 -5.51 -1.86 -18.02
C TYR A 212 -4.03 -1.53 -17.95
N ALA A 213 -3.66 -0.72 -16.96
CA ALA A 213 -2.25 -0.36 -16.78
C ALA A 213 -1.98 -0.17 -15.30
N LEU A 214 -0.91 -0.77 -14.83
CA LEU A 214 -0.47 -0.52 -13.46
C LEU A 214 0.15 0.87 -13.38
N PRO A 215 -0.15 1.65 -12.34
CA PRO A 215 0.27 3.05 -12.32
C PRO A 215 1.77 3.18 -12.10
N GLN A 216 2.43 3.90 -13.01
CA GLN A 216 3.82 4.27 -12.78
C GLN A 216 3.95 5.20 -11.60
N SER A 217 2.87 5.92 -11.25
CA SER A 217 2.79 6.78 -10.08
C SER A 217 1.33 7.22 -9.92
N PRO A 218 0.89 7.56 -8.70
CA PRO A 218 -0.46 8.11 -8.54
C PRO A 218 -0.51 9.60 -8.85
N GLN A 219 0.25 10.03 -9.86
CA GLN A 219 0.37 11.45 -10.17
C GLN A 219 -0.95 12.03 -10.66
N LEU A 220 -1.61 11.33 -11.58
CA LEU A 220 -2.86 11.83 -12.13
C LEU A 220 -3.97 11.85 -11.09
N PHE A 221 -4.07 10.79 -10.28
CA PHE A 221 -5.15 10.71 -9.30
C PHE A 221 -4.97 11.72 -8.18
N LYS A 222 -3.73 12.03 -7.80
CA LYS A 222 -3.50 12.97 -6.72
C LYS A 222 -3.71 14.42 -7.16
N GLN A 223 -3.62 14.70 -8.45
CA GLN A 223 -4.01 16.03 -8.93
C GLN A 223 -5.52 16.19 -8.97
N LEU A 224 -6.24 15.11 -9.32
CA LEU A 224 -7.69 15.14 -9.26
C LEU A 224 -8.17 15.30 -7.82
N LEU A 225 -7.45 14.72 -6.86
CA LEU A 225 -7.80 14.89 -5.46
C LEU A 225 -7.63 16.33 -5.00
N MET A 226 -6.77 17.09 -5.65
CA MET A 226 -6.64 18.51 -5.33
C MET A 226 -7.79 19.32 -5.90
N VAL A 227 -8.28 18.93 -7.09
CA VAL A 227 -9.49 19.54 -7.63
C VAL A 227 -10.69 19.20 -6.75
N ALA A 228 -10.64 18.05 -6.06
CA ALA A 228 -11.73 17.60 -5.22
C ALA A 228 -11.81 18.35 -3.89
N GLY A 229 -10.82 19.17 -3.56
CA GLY A 229 -10.83 19.90 -2.32
C GLY A 229 -10.21 19.19 -1.14
N MET A 230 -9.49 18.09 -1.36
CA MET A 230 -8.82 17.41 -0.25
C MET A 230 -7.67 18.23 0.31
N GLU A 231 -7.13 19.18 -0.46
CA GLU A 231 -6.14 20.15 -0.01
C GLU A 231 -4.80 19.50 0.36
N ARG A 232 -4.82 18.51 1.26
CA ARG A 232 -3.61 17.87 1.75
C ARG A 232 -3.80 16.36 1.68
N TYR A 233 -3.04 15.70 0.80
CA TYR A 233 -3.14 14.27 0.57
C TYR A 233 -1.79 13.61 0.77
N TYR A 234 -1.82 12.35 1.20
CA TYR A 234 -0.61 11.54 1.25
C TYR A 234 -1.00 10.08 1.06
N GLN A 235 -0.05 9.29 0.57
CA GLN A 235 -0.27 7.87 0.34
C GLN A 235 1.07 7.16 0.21
N ILE A 236 1.18 6.01 0.88
CA ILE A 236 2.33 5.12 0.71
C ILE A 236 1.91 4.12 -0.36
N ALA A 237 2.11 4.49 -1.62
CA ALA A 237 1.57 3.77 -2.76
C ALA A 237 2.61 2.82 -3.35
N ARG A 238 2.13 1.94 -4.22
CA ARG A 238 2.97 0.98 -4.94
C ARG A 238 2.99 1.40 -6.41
N CYS A 239 4.18 1.63 -6.93
CA CYS A 239 4.35 2.08 -8.31
C CYS A 239 4.99 0.98 -9.15
N TYR A 240 4.65 0.96 -10.44
CA TYR A 240 5.05 -0.10 -11.34
C TYR A 240 5.62 0.51 -12.61
N ARG A 241 6.91 0.29 -12.85
CA ARG A 241 7.59 0.82 -14.02
C ARG A 241 8.48 -0.26 -14.61
N ASP A 242 8.23 -0.60 -15.88
CA ASP A 242 9.04 -1.60 -16.59
C ASP A 242 10.34 -0.94 -17.06
N GLU A 243 11.22 -0.71 -16.11
CA GLU A 243 12.50 -0.05 -16.35
C GLU A 243 13.60 -1.10 -16.55
N ASP A 244 14.78 -0.61 -16.90
CA ASP A 244 15.98 -1.44 -16.88
C ASP A 244 16.46 -1.55 -15.43
N PHE A 245 16.68 -2.79 -14.98
CA PHE A 245 17.04 -3.06 -13.60
C PHE A 245 18.30 -2.30 -13.19
N ARG A 246 18.12 -1.23 -12.42
CA ARG A 246 19.25 -0.41 -12.01
C ARG A 246 18.82 0.50 -10.86
N ALA A 247 19.82 1.03 -10.16
CA ALA A 247 19.66 2.10 -9.18
C ALA A 247 18.86 1.67 -7.95
N ASP A 248 17.85 2.48 -7.60
CA ASP A 248 17.23 2.44 -6.28
C ASP A 248 15.80 1.91 -6.30
N ARG A 249 15.43 1.14 -7.32
CA ARG A 249 14.08 0.57 -7.33
C ARG A 249 14.02 -0.60 -8.29
N GLN A 250 13.07 -1.50 -8.02
CA GLN A 250 12.76 -2.65 -8.85
C GLN A 250 11.58 -2.30 -9.74
N PRO A 251 11.11 -3.20 -10.62
CA PRO A 251 9.86 -2.92 -11.34
C PRO A 251 8.70 -2.53 -10.44
N GLU A 252 8.62 -3.10 -9.24
CA GLU A 252 7.59 -2.76 -8.27
C GLU A 252 8.26 -2.15 -7.05
N PHE A 253 7.95 -0.87 -6.78
CA PHE A 253 8.59 -0.14 -5.69
C PHE A 253 7.54 0.69 -4.97
N THR A 254 7.97 1.33 -3.88
CA THR A 254 7.09 2.05 -2.97
C THR A 254 7.49 3.52 -2.90
N GLN A 255 6.49 4.40 -2.84
CA GLN A 255 6.70 5.83 -2.72
C GLN A 255 5.92 6.37 -1.54
N LEU A 256 6.42 7.46 -0.97
CA LEU A 256 5.64 8.31 -0.06
C LEU A 256 5.12 9.47 -0.90
N ASP A 257 3.88 9.36 -1.36
CA ASP A 257 3.29 10.34 -2.23
C ASP A 257 2.64 11.46 -1.42
N MET A 258 2.87 12.70 -1.85
CA MET A 258 2.31 13.87 -1.18
C MET A 258 1.86 14.88 -2.22
N GLU A 259 0.86 15.68 -1.86
CA GLU A 259 0.34 16.71 -2.74
C GLU A 259 -0.46 17.71 -1.93
N MET A 260 -0.20 19.00 -2.15
CA MET A 260 -0.90 20.07 -1.46
C MET A 260 -1.41 21.08 -2.47
N SER A 261 -2.41 21.86 -2.06
CA SER A 261 -2.98 22.91 -2.89
C SER A 261 -2.80 24.27 -2.21
N PHE A 262 -2.89 25.32 -3.01
CA PHE A 262 -2.66 26.69 -2.56
C PHE A 262 -1.27 26.84 -1.93
N VAL A 263 -0.28 26.20 -2.56
CA VAL A 263 1.08 26.17 -2.04
C VAL A 263 2.05 26.42 -3.19
N ASP A 264 3.25 26.87 -2.83
CA ASP A 264 4.36 27.02 -3.75
C ASP A 264 5.45 26.00 -3.42
N ALA A 265 6.55 26.06 -4.15
CA ALA A 265 7.66 25.14 -3.90
C ALA A 265 8.21 25.30 -2.48
N GLU A 266 8.09 26.50 -1.91
CA GLU A 266 8.58 26.71 -0.55
C GLU A 266 7.76 25.91 0.47
N ASP A 267 6.44 25.85 0.28
CA ASP A 267 5.60 25.13 1.23
C ASP A 267 5.85 23.63 1.19
N ILE A 268 6.08 23.08 -0.01
CA ILE A 268 6.29 21.64 -0.13
C ILE A 268 7.67 21.25 0.39
N ILE A 269 8.67 22.09 0.15
CA ILE A 269 10.00 21.84 0.69
C ILE A 269 9.97 21.90 2.22
N ALA A 270 9.16 22.80 2.77
CA ALA A 270 9.10 22.95 4.22
C ALA A 270 8.51 21.70 4.88
N ILE A 271 7.46 21.12 4.30
CA ILE A 271 6.86 19.93 4.88
C ILE A 271 7.71 18.70 4.59
N SER A 272 8.46 18.69 3.48
CA SER A 272 9.32 17.56 3.16
C SER A 272 10.48 17.47 4.15
N GLU A 273 11.05 18.63 4.52
CA GLU A 273 12.12 18.63 5.51
C GLU A 273 11.63 18.14 6.87
N GLU A 274 10.37 18.43 7.21
CA GLU A 274 9.82 17.96 8.47
C GLU A 274 9.64 16.44 8.49
N VAL A 275 9.30 15.85 7.34
CA VAL A 275 9.18 14.40 7.26
C VAL A 275 10.55 13.75 7.42
N LEU A 276 11.56 14.27 6.72
CA LEU A 276 12.90 13.72 6.81
C LEU A 276 13.46 13.87 8.22
N THR A 277 13.08 14.94 8.93
CA THR A 277 13.57 15.14 10.30
C THR A 277 13.10 14.02 11.21
N GLU A 278 11.83 13.63 11.11
CA GLU A 278 11.32 12.54 11.95
C GLU A 278 11.88 11.20 11.51
N LEU A 279 12.18 11.03 10.21
CA LEU A 279 12.73 9.77 9.74
C LEU A 279 14.12 9.54 10.31
N TRP A 280 15.06 10.47 10.05
CA TRP A 280 16.42 10.32 10.54
C TRP A 280 16.52 10.45 12.06
N ALA A 281 15.47 10.90 12.74
CA ALA A 281 15.46 10.88 14.20
C ALA A 281 15.32 9.45 14.74
N LEU A 282 14.82 8.53 13.91
CA LEU A 282 14.71 7.14 14.34
C LEU A 282 16.08 6.52 14.59
N ILE A 283 17.11 6.96 13.86
CA ILE A 283 18.47 6.49 14.08
C ILE A 283 19.31 7.47 14.88
N GLY A 284 18.71 8.56 15.34
CA GLY A 284 19.40 9.47 16.24
C GLY A 284 20.25 10.54 15.57
N TYR A 285 19.84 11.04 14.41
CA TYR A 285 20.56 12.10 13.71
C TYR A 285 19.60 13.24 13.44
N ARG A 286 19.84 14.39 14.09
CA ARG A 286 19.04 15.58 13.86
C ARG A 286 19.50 16.26 12.58
N ILE A 287 18.60 16.34 11.60
CA ILE A 287 18.97 16.93 10.31
C ILE A 287 19.04 18.44 10.45
N PRO A 288 20.12 19.09 9.99
CA PRO A 288 20.19 20.55 10.05
C PRO A 288 19.17 21.21 9.13
N THR A 289 18.09 21.71 9.71
CA THR A 289 17.05 22.38 8.92
C THR A 289 17.28 23.89 8.92
N PRO A 290 17.10 24.56 7.77
CA PRO A 290 16.67 23.96 6.51
C PRO A 290 17.83 23.38 5.70
N ILE A 291 17.53 22.39 4.87
CA ILE A 291 18.56 21.74 4.04
C ILE A 291 19.05 22.73 2.98
N PRO A 292 20.35 22.84 2.76
CA PRO A 292 20.86 23.78 1.74
C PRO A 292 20.36 23.40 0.35
N ARG A 293 20.35 24.40 -0.53
CA ARG A 293 19.83 24.25 -1.88
C ARG A 293 20.83 24.81 -2.88
N ILE A 294 20.94 24.14 -4.03
CA ILE A 294 21.75 24.61 -5.14
C ILE A 294 20.96 24.42 -6.44
N GLY A 295 21.30 25.21 -7.44
CA GLY A 295 20.61 25.14 -8.71
C GLY A 295 21.10 23.99 -9.57
N TYR A 296 20.28 23.63 -10.55
CA TYR A 296 20.63 22.54 -11.46
C TYR A 296 21.89 22.87 -12.25
N ALA A 297 21.96 24.08 -12.81
CA ALA A 297 23.13 24.48 -13.58
C ALA A 297 24.38 24.55 -12.71
N GLU A 298 24.21 24.99 -11.45
CA GLU A 298 25.35 25.06 -10.54
C GLU A 298 25.76 23.67 -10.07
N ALA A 299 24.79 22.79 -9.83
CA ALA A 299 25.10 21.45 -9.33
C ALA A 299 25.96 20.68 -10.33
N MET A 300 25.59 20.70 -11.61
CA MET A 300 26.38 20.01 -12.61
C MET A 300 27.67 20.75 -12.94
N ARG A 301 27.73 22.07 -12.69
CA ARG A 301 28.97 22.80 -12.94
C ARG A 301 30.05 22.42 -11.94
N ARG A 302 29.69 22.27 -10.68
CA ARG A 302 30.65 21.96 -9.63
C ARG A 302 30.85 20.47 -9.41
N PHE A 303 29.82 19.65 -9.64
CA PHE A 303 29.89 18.24 -9.32
C PHE A 303 29.58 17.30 -10.48
N GLY A 304 29.16 17.81 -11.63
CA GLY A 304 28.96 16.99 -12.81
C GLY A 304 27.67 16.18 -12.85
N THR A 305 26.89 16.19 -11.77
CA THR A 305 25.62 15.46 -11.74
C THR A 305 24.56 16.31 -11.06
N ASP A 306 23.30 16.04 -11.40
CA ASP A 306 22.19 16.68 -10.74
C ASP A 306 21.85 16.04 -9.40
N LYS A 307 22.54 14.97 -9.03
CA LYS A 307 22.40 14.33 -7.71
C LYS A 307 23.81 14.20 -7.13
N PRO A 308 24.36 15.28 -6.58
CA PRO A 308 25.76 15.27 -6.15
C PRO A 308 25.96 14.74 -4.74
N ASP A 309 27.17 14.23 -4.51
CA ASP A 309 27.60 13.79 -3.19
C ASP A 309 28.37 14.93 -2.54
N LEU A 310 27.88 15.40 -1.39
CA LEU A 310 28.45 16.56 -0.72
C LEU A 310 29.21 16.17 0.55
N ARG A 311 29.54 14.90 0.70
CA ARG A 311 30.35 14.46 1.85
C ARG A 311 31.84 14.74 1.65
N PHE A 312 32.25 15.19 0.48
CA PHE A 312 33.65 15.45 0.20
C PHE A 312 33.75 16.55 -0.85
N GLY A 313 34.93 17.15 -0.92
CA GLY A 313 35.19 18.22 -1.88
C GLY A 313 35.44 17.69 -3.28
N LEU A 314 36.64 17.90 -3.79
CA LEU A 314 37.06 17.39 -5.10
C LEU A 314 36.15 17.90 -6.22
N GLU A 315 35.80 19.18 -6.14
CA GLU A 315 34.90 19.77 -7.11
C GLU A 315 35.56 19.86 -8.48
N LEU A 316 34.71 19.93 -9.52
CA LEU A 316 35.22 20.06 -10.88
C LEU A 316 35.73 21.48 -11.12
N VAL A 317 36.86 21.57 -11.82
CA VAL A 317 37.47 22.85 -12.17
C VAL A 317 37.39 23.00 -13.69
N GLU A 318 36.68 24.03 -14.14
CA GLU A 318 36.56 24.28 -15.57
C GLU A 318 37.87 24.82 -16.12
N CYS A 319 38.32 24.28 -17.25
CA CYS A 319 39.57 24.69 -17.88
C CYS A 319 39.37 25.00 -19.36
N THR A 320 38.15 25.35 -19.78
CA THR A 320 37.90 25.64 -21.18
C THR A 320 38.63 26.90 -21.63
N ASP A 321 38.57 27.96 -20.83
CA ASP A 321 39.28 29.19 -21.17
C ASP A 321 40.79 29.00 -21.09
N PHE A 322 41.25 28.05 -20.28
CA PHE A 322 42.69 27.85 -20.10
C PHE A 322 43.34 27.28 -21.35
N PHE A 323 42.60 26.47 -22.12
CA PHE A 323 43.15 25.81 -23.29
C PHE A 323 42.63 26.41 -24.60
N SER A 324 42.35 27.71 -24.60
CA SER A 324 41.97 28.39 -25.83
C SER A 324 43.15 28.62 -26.76
N ASP A 325 44.38 28.40 -26.28
CA ASP A 325 45.58 28.53 -27.11
C ASP A 325 46.41 27.25 -27.16
N THR A 326 46.01 26.20 -26.44
CA THR A 326 46.74 24.95 -26.48
C THR A 326 46.52 24.24 -27.80
N THR A 327 47.61 23.73 -28.39
CA THR A 327 47.55 23.08 -29.68
C THR A 327 47.09 21.63 -29.61
N PHE A 328 46.73 21.14 -28.43
CA PHE A 328 46.28 19.76 -28.27
C PHE A 328 44.85 19.64 -28.82
N ARG A 329 44.70 18.92 -29.93
CA ARG A 329 43.40 18.84 -30.60
C ARG A 329 42.36 18.13 -29.74
N VAL A 330 42.77 17.15 -28.94
CA VAL A 330 41.82 16.45 -28.07
C VAL A 330 41.30 17.36 -26.97
N PHE A 331 41.99 18.46 -26.68
CA PHE A 331 41.49 19.45 -25.74
C PHE A 331 40.84 20.65 -26.43
N GLN A 332 40.86 20.70 -27.76
CA GLN A 332 40.15 21.74 -28.51
C GLN A 332 38.69 21.31 -28.66
N ALA A 333 38.00 21.32 -27.53
CA ALA A 333 36.64 20.82 -27.39
C ALA A 333 35.77 21.88 -26.73
N PRO A 334 34.44 21.75 -26.82
CA PRO A 334 33.57 22.72 -26.14
C PRO A 334 33.67 22.72 -24.63
N TYR A 335 34.39 21.77 -24.02
CA TYR A 335 34.50 21.72 -22.58
C TYR A 335 35.78 21.00 -22.17
N VAL A 336 36.38 21.46 -21.07
CA VAL A 336 37.54 20.81 -20.47
C VAL A 336 37.36 20.85 -18.95
N GLY A 337 37.27 19.67 -18.33
CA GLY A 337 37.11 19.57 -16.90
C GLY A 337 38.34 18.98 -16.23
N ALA A 338 38.32 18.99 -14.90
CA ALA A 338 39.46 18.50 -14.13
C ALA A 338 39.02 18.17 -12.71
N VAL A 339 39.59 17.11 -12.16
CA VAL A 339 39.42 16.74 -10.76
C VAL A 339 40.79 16.38 -10.19
N VAL A 340 41.14 17.01 -9.07
CA VAL A 340 42.47 16.85 -8.46
C VAL A 340 42.39 15.77 -7.40
N MET A 341 43.19 14.72 -7.57
CA MET A 341 43.29 13.67 -6.56
C MET A 341 44.47 13.95 -5.64
N PRO A 342 44.24 14.21 -4.35
CA PRO A 342 45.36 14.53 -3.46
C PRO A 342 46.28 13.32 -3.26
N GLY A 343 47.58 13.56 -3.40
CA GLY A 343 48.55 12.49 -3.26
C GLY A 343 48.47 11.42 -4.32
N GLY A 344 47.88 11.73 -5.47
CA GLY A 344 47.66 10.74 -6.51
C GLY A 344 48.86 10.45 -7.40
N ALA A 345 49.93 11.25 -7.29
CA ALA A 345 51.11 11.01 -8.10
C ALA A 345 51.97 9.87 -7.57
N SER A 346 51.70 9.39 -6.37
CA SER A 346 52.41 8.25 -5.80
C SER A 346 51.79 6.91 -6.18
N GLN A 347 50.73 6.91 -6.98
CA GLN A 347 50.09 5.66 -7.38
C GLN A 347 50.99 4.92 -8.37
N PRO A 348 51.01 3.59 -8.32
CA PRO A 348 51.80 2.83 -9.30
C PRO A 348 51.19 2.93 -10.69
N ARG A 349 51.90 2.36 -11.66
CA ARG A 349 51.42 2.35 -13.03
C ARG A 349 50.16 1.52 -13.19
N ARG A 350 50.00 0.48 -12.37
CA ARG A 350 48.81 -0.36 -12.46
C ARG A 350 47.57 0.40 -12.01
N THR A 351 47.71 1.27 -11.00
CA THR A 351 46.57 2.07 -10.55
C THR A 351 46.21 3.13 -11.57
N LEU A 352 47.20 3.73 -12.21
CA LEU A 352 46.92 4.75 -13.23
C LEU A 352 46.37 4.11 -14.50
N ASP A 353 46.96 2.99 -14.93
CA ASP A 353 46.44 2.29 -16.10
C ASP A 353 45.06 1.71 -15.84
N GLY A 354 44.77 1.33 -14.60
CA GLY A 354 43.44 0.87 -14.25
C GLY A 354 42.39 1.95 -14.32
N TRP A 355 42.78 3.21 -14.20
CA TRP A 355 41.83 4.31 -14.36
C TRP A 355 41.40 4.47 -15.81
N GLN A 356 42.26 4.07 -16.76
CA GLN A 356 41.87 4.12 -18.16
C GLN A 356 40.84 3.05 -18.49
N ASP A 357 41.03 1.83 -17.97
CA ASP A 357 40.02 0.79 -18.16
C ASP A 357 38.73 1.12 -17.40
N TRP A 358 38.84 1.87 -16.31
CA TRP A 358 37.65 2.31 -15.59
C TRP A 358 36.86 3.32 -16.41
N ALA A 359 37.55 4.31 -16.98
CA ALA A 359 36.88 5.32 -17.79
C ALA A 359 36.42 4.76 -19.13
N LYS A 360 37.00 3.65 -19.59
CA LYS A 360 36.57 3.07 -20.86
C LYS A 360 35.17 2.47 -20.76
N GLN A 361 34.79 1.97 -19.58
CA GLN A 361 33.48 1.38 -19.39
C GLN A 361 32.38 2.42 -19.21
N ARG A 362 32.74 3.69 -18.97
CA ARG A 362 31.73 4.71 -18.76
C ARG A 362 31.16 5.24 -20.08
N GLY A 363 31.96 5.23 -21.14
CA GLY A 363 31.49 5.71 -22.43
C GLY A 363 32.29 6.89 -22.95
N HIS A 364 33.60 6.90 -22.67
CA HIS A 364 34.47 7.97 -23.12
C HIS A 364 35.78 7.36 -23.61
N ARG A 365 36.57 8.17 -24.32
CA ARG A 365 37.84 7.69 -24.86
C ARG A 365 38.85 7.40 -23.75
N GLY A 366 38.68 7.96 -22.57
CA GLY A 366 39.59 7.73 -21.47
C GLY A 366 39.66 8.93 -20.56
N LEU A 367 40.35 8.74 -19.44
CA LEU A 367 40.53 9.78 -18.43
C LEU A 367 42.00 10.20 -18.46
N ALA A 368 42.30 11.19 -19.29
CA ALA A 368 43.66 11.71 -19.36
C ALA A 368 44.01 12.46 -18.08
N TYR A 369 45.28 12.35 -17.68
CA TYR A 369 45.73 12.95 -16.44
C TYR A 369 47.14 13.49 -16.61
N VAL A 370 47.59 14.25 -15.62
CA VAL A 370 48.93 14.83 -15.59
C VAL A 370 49.41 14.78 -14.14
N LEU A 371 50.44 13.98 -13.88
CA LEU A 371 50.96 13.86 -12.53
C LEU A 371 51.81 15.07 -12.16
N VAL A 372 51.97 15.28 -10.86
CA VAL A 372 52.77 16.38 -10.32
C VAL A 372 53.86 15.78 -9.44
N ALA A 373 55.11 15.95 -9.85
CA ALA A 373 56.23 15.44 -9.07
C ALA A 373 56.39 16.25 -7.78
N GLU A 374 57.22 15.73 -6.88
CA GLU A 374 57.46 16.41 -5.62
C GLU A 374 58.15 17.76 -5.83
N ASP A 375 58.92 17.89 -6.91
CA ASP A 375 59.61 19.13 -7.22
C ASP A 375 58.73 20.15 -7.91
N GLY A 376 57.49 19.79 -8.24
CA GLY A 376 56.58 20.68 -8.92
C GLY A 376 56.51 20.50 -10.42
N THR A 377 57.38 19.67 -10.98
CA THR A 377 57.37 19.43 -12.42
C THR A 377 56.10 18.68 -12.82
N LEU A 378 55.43 19.18 -13.85
CA LEU A 378 54.24 18.53 -14.36
C LEU A 378 54.65 17.35 -15.25
N GLY A 379 54.21 16.15 -14.86
CA GLY A 379 54.53 14.95 -15.60
C GLY A 379 53.28 14.21 -16.05
N GLY A 380 53.47 13.24 -16.93
CA GLY A 380 52.37 12.46 -17.46
C GLY A 380 52.18 12.70 -18.94
N PRO A 381 51.20 12.00 -19.53
CA PRO A 381 50.95 12.17 -20.97
C PRO A 381 50.40 13.55 -21.32
N VAL A 382 49.63 14.17 -20.42
CA VAL A 382 49.09 15.50 -20.70
C VAL A 382 50.14 16.59 -20.53
N ALA A 383 51.23 16.31 -19.82
CA ALA A 383 52.23 17.35 -19.56
C ALA A 383 53.01 17.73 -20.81
N LYS A 384 53.26 16.77 -21.71
CA LYS A 384 54.03 17.06 -22.92
C LYS A 384 53.25 17.94 -23.89
N ASN A 385 51.93 18.05 -23.71
CA ASN A 385 51.08 18.81 -24.62
C ASN A 385 50.89 20.25 -24.19
N LEU A 386 51.51 20.68 -23.11
CA LEU A 386 51.32 22.04 -22.60
C LEU A 386 52.01 23.06 -23.49
N THR A 387 51.69 24.33 -23.26
CA THR A 387 52.23 25.45 -24.01
C THR A 387 53.09 26.35 -23.14
N GLU A 388 53.94 25.75 -22.31
CA GLU A 388 54.79 26.47 -21.36
C GLU A 388 53.95 27.30 -20.40
N ALA A 389 53.22 28.29 -20.93
CA ALA A 389 52.26 29.03 -20.12
C ALA A 389 51.19 28.09 -19.55
N GLU A 390 50.86 27.02 -20.27
CA GLU A 390 49.95 26.02 -19.72
C GLU A 390 50.60 25.26 -18.57
N ARG A 391 51.86 24.85 -18.75
CA ARG A 391 52.59 24.18 -17.67
C ARG A 391 52.82 25.10 -16.48
N THR A 392 52.71 26.42 -16.68
CA THR A 392 52.90 27.36 -15.58
C THR A 392 51.65 27.47 -14.72
N GLY A 393 50.47 27.44 -15.33
CA GLY A 393 49.24 27.69 -14.60
C GLY A 393 48.33 26.49 -14.40
N LEU A 394 48.65 25.37 -15.02
CA LEU A 394 47.80 24.19 -14.90
C LEU A 394 47.73 23.71 -13.45
N ALA A 395 48.88 23.67 -12.76
CA ALA A 395 48.89 23.23 -11.37
C ALA A 395 48.22 24.26 -10.46
N ASP A 396 48.23 25.53 -10.85
CA ASP A 396 47.63 26.58 -10.05
C ASP A 396 46.16 26.82 -10.39
N HIS A 397 45.73 26.49 -11.60
CA HIS A 397 44.34 26.69 -11.99
C HIS A 397 43.43 25.64 -11.35
N VAL A 398 43.83 24.37 -11.40
CA VAL A 398 43.01 23.29 -10.86
C VAL A 398 43.24 23.08 -9.37
N GLY A 399 44.10 23.87 -8.74
CA GLY A 399 44.39 23.72 -7.32
C GLY A 399 45.11 22.43 -7.01
N ALA A 400 46.22 22.18 -7.70
CA ALA A 400 46.98 20.95 -7.54
C ALA A 400 48.22 21.21 -6.70
N LYS A 401 48.48 20.34 -5.74
CA LYS A 401 49.63 20.40 -4.87
C LYS A 401 50.72 19.44 -5.35
N PRO A 402 51.96 19.60 -4.90
CA PRO A 402 53.01 18.64 -5.24
C PRO A 402 52.62 17.23 -4.81
N GLY A 403 52.58 16.32 -5.78
CA GLY A 403 52.15 14.96 -5.55
C GLY A 403 50.72 14.67 -5.92
N ASP A 404 49.99 15.65 -6.43
CA ASP A 404 48.59 15.46 -6.80
C ASP A 404 48.48 14.78 -8.17
N CYS A 405 47.24 14.42 -8.51
CA CYS A 405 46.93 13.84 -9.82
C CYS A 405 45.65 14.48 -10.32
N ILE A 406 45.71 15.11 -11.49
CA ILE A 406 44.60 15.86 -12.05
C ILE A 406 44.06 15.07 -13.24
N PHE A 407 42.86 14.51 -13.09
CA PHE A 407 42.21 13.79 -14.19
C PHE A 407 41.38 14.78 -15.01
N PHE A 408 41.62 14.80 -16.31
CA PHE A 408 40.97 15.74 -17.21
C PHE A 408 39.87 15.05 -18.01
N SER A 409 38.82 15.80 -18.33
CA SER A 409 37.71 15.31 -19.14
C SER A 409 37.36 16.38 -20.17
N ALA A 410 37.39 16.00 -21.45
CA ALA A 410 37.11 16.91 -22.55
C ALA A 410 35.94 16.37 -23.37
N GLY A 411 35.54 17.14 -24.37
CA GLY A 411 34.43 16.78 -25.23
C GLY A 411 33.19 17.60 -24.95
N PRO A 412 32.02 17.03 -25.22
CA PRO A 412 30.77 17.72 -24.90
C PRO A 412 30.63 17.98 -23.41
N VAL A 413 29.79 18.95 -23.08
CA VAL A 413 29.67 19.39 -21.69
C VAL A 413 29.11 18.27 -20.82
N LYS A 414 27.91 17.77 -21.16
CA LYS A 414 27.26 16.76 -20.32
C LYS A 414 28.04 15.45 -20.32
N SER A 415 28.67 15.10 -21.44
CA SER A 415 29.45 13.87 -21.50
C SER A 415 30.70 13.96 -20.62
N SER A 416 31.43 15.08 -20.71
CA SER A 416 32.62 15.24 -19.89
C SER A 416 32.29 15.54 -18.44
N ARG A 417 31.20 16.28 -18.18
CA ARG A 417 30.78 16.51 -16.81
C ARG A 417 30.42 15.21 -16.11
N ALA A 418 29.65 14.35 -16.78
CA ALA A 418 29.25 13.08 -16.18
C ALA A 418 30.44 12.14 -16.05
N LEU A 419 31.33 12.13 -17.04
CA LEU A 419 32.53 11.30 -16.96
C LEU A 419 33.44 11.77 -15.84
N LEU A 420 33.55 13.08 -15.64
CA LEU A 420 34.32 13.61 -14.52
C LEU A 420 33.52 13.57 -13.21
N GLY A 421 32.20 13.78 -13.29
CA GLY A 421 31.38 13.66 -12.11
C GLY A 421 31.36 12.26 -11.55
N ALA A 422 31.45 11.26 -12.42
CA ALA A 422 31.57 9.88 -11.96
C ALA A 422 32.99 9.58 -11.48
N ALA A 423 33.99 10.11 -12.18
CA ALA A 423 35.37 9.94 -11.75
C ALA A 423 35.62 10.65 -10.42
N ARG A 424 34.86 11.71 -10.15
CA ARG A 424 35.02 12.42 -8.88
C ARG A 424 34.63 11.52 -7.70
N VAL A 425 33.59 10.72 -7.86
CA VAL A 425 33.11 9.89 -6.76
C VAL A 425 34.08 8.75 -6.47
N GLU A 426 34.61 8.13 -7.52
CA GLU A 426 35.51 6.99 -7.31
C GLU A 426 36.79 7.40 -6.60
N ILE A 427 37.26 8.64 -6.83
CA ILE A 427 38.45 9.11 -6.14
C ILE A 427 38.21 9.17 -4.63
N ALA A 428 36.99 9.56 -4.23
CA ALA A 428 36.67 9.58 -2.80
C ALA A 428 36.66 8.18 -2.21
N ASN A 429 36.32 7.16 -3.01
CA ASN A 429 36.32 5.80 -2.51
C ASN A 429 37.74 5.28 -2.29
N ARG A 430 38.61 5.47 -3.30
CA ARG A 430 39.95 4.91 -3.21
C ARG A 430 40.80 5.64 -2.18
N LEU A 431 40.63 6.96 -2.07
CA LEU A 431 41.36 7.74 -1.09
C LEU A 431 40.78 7.63 0.32
N GLY A 432 39.74 6.82 0.51
CA GLY A 432 39.12 6.70 1.82
C GLY A 432 38.57 8.01 2.35
N LEU A 433 38.03 8.85 1.46
CA LEU A 433 37.63 10.20 1.82
C LEU A 433 36.21 10.28 2.38
N ILE A 434 35.35 9.32 2.06
CA ILE A 434 33.95 9.38 2.50
C ILE A 434 33.85 8.87 3.92
N ASP A 435 33.33 9.70 4.81
CA ASP A 435 33.02 9.31 6.18
C ASP A 435 31.69 8.56 6.17
N PRO A 436 31.68 7.26 6.49
CA PRO A 436 30.43 6.48 6.37
C PRO A 436 29.35 6.90 7.36
N ASP A 437 29.70 7.65 8.41
CA ASP A 437 28.73 8.09 9.40
C ASP A 437 28.18 9.48 9.12
N ALA A 438 28.51 10.07 7.98
CA ALA A 438 28.10 11.42 7.65
C ALA A 438 26.82 11.42 6.82
N TRP A 439 26.11 12.56 6.87
CA TRP A 439 24.89 12.76 6.11
C TRP A 439 24.97 14.11 5.41
N ALA A 440 24.77 14.09 4.08
CA ALA A 440 24.87 15.30 3.27
C ALA A 440 23.60 15.44 2.45
N PHE A 441 22.63 16.19 2.98
CA PHE A 441 21.39 16.48 2.28
C PHE A 441 21.55 17.75 1.46
N VAL A 442 20.83 17.82 0.34
CA VAL A 442 20.86 18.99 -0.53
C VAL A 442 19.62 18.97 -1.42
N TRP A 443 19.04 20.15 -1.62
CA TRP A 443 17.98 20.33 -2.61
C TRP A 443 18.59 20.79 -3.92
N VAL A 444 18.16 20.16 -5.02
CA VAL A 444 18.54 20.58 -6.37
C VAL A 444 17.31 21.22 -7.00
N VAL A 445 17.34 22.55 -7.11
CA VAL A 445 16.18 23.32 -7.51
C VAL A 445 16.44 23.93 -8.89
N ASP A 446 15.38 24.51 -9.46
CA ASP A 446 15.41 25.15 -10.77
C ASP A 446 16.02 24.25 -11.85
N PRO A 447 15.43 23.09 -12.13
CA PRO A 447 15.94 22.25 -13.20
C PRO A 447 15.34 22.68 -14.52
N PRO A 448 15.88 22.21 -15.65
CA PRO A 448 15.21 22.43 -16.93
C PRO A 448 13.91 21.63 -17.00
N LEU A 449 12.93 22.18 -17.70
CA LEU A 449 11.66 21.50 -17.84
C LEU A 449 11.62 20.57 -19.03
N PHE A 450 12.52 20.75 -20.00
CA PHE A 450 12.58 19.90 -21.18
C PHE A 450 13.99 19.38 -21.37
N GLU A 451 14.10 18.36 -22.21
CA GLU A 451 15.38 17.83 -22.66
C GLU A 451 15.14 17.07 -23.95
N PRO A 452 16.12 16.98 -24.85
CA PRO A 452 15.88 16.38 -26.15
C PRO A 452 15.42 14.93 -26.05
N ALA A 453 14.41 14.58 -26.85
CA ALA A 453 13.89 13.23 -26.86
C ALA A 453 14.91 12.20 -27.35
N ASP A 454 15.91 12.64 -28.13
CA ASP A 454 16.96 11.72 -28.56
C ASP A 454 17.88 11.36 -27.40
N GLU A 455 18.03 12.26 -26.43
CA GLU A 455 18.89 11.98 -25.28
C GLU A 455 18.19 11.14 -24.21
N ALA A 456 16.86 11.17 -24.17
CA ALA A 456 16.13 10.38 -23.19
C ALA A 456 15.98 8.93 -23.64
N THR A 457 15.57 8.71 -24.90
CA THR A 457 15.41 7.35 -25.41
C THR A 457 16.75 6.64 -25.50
N ALA A 458 17.85 7.38 -25.65
CA ALA A 458 19.16 6.75 -25.67
C ALA A 458 19.52 6.13 -24.33
N ALA A 459 19.01 6.69 -23.24
CA ALA A 459 19.24 6.16 -21.90
C ALA A 459 18.19 5.13 -21.50
N GLY A 460 17.39 4.65 -22.45
CA GLY A 460 16.38 3.65 -22.14
C GLY A 460 15.09 4.20 -21.58
N GLU A 461 14.80 5.47 -21.78
CA GLU A 461 13.59 6.09 -21.28
C GLU A 461 12.53 6.15 -22.38
N VAL A 462 11.26 6.15 -21.96
CA VAL A 462 10.14 6.27 -22.88
C VAL A 462 9.77 7.74 -23.01
N ALA A 463 9.64 8.21 -24.25
CA ALA A 463 9.36 9.62 -24.50
C ALA A 463 7.88 9.92 -24.30
N VAL A 464 7.60 11.16 -23.90
CA VAL A 464 6.22 11.60 -23.74
C VAL A 464 5.51 11.62 -25.08
N GLY A 465 6.06 12.36 -26.05
CA GLY A 465 5.50 12.43 -27.38
C GLY A 465 6.58 12.25 -28.44
N SER A 466 6.14 12.23 -29.69
CA SER A 466 7.03 12.04 -30.82
C SER A 466 7.80 13.30 -31.20
N GLY A 467 7.67 14.38 -30.42
CA GLY A 467 8.37 15.61 -30.71
C GLY A 467 9.84 15.56 -30.34
N ALA A 468 10.52 16.68 -30.57
CA ALA A 468 11.94 16.79 -30.31
C ALA A 468 12.26 17.04 -28.83
N TRP A 469 11.24 17.12 -27.97
CA TRP A 469 11.45 17.38 -26.55
C TRP A 469 10.66 16.39 -25.72
N THR A 470 11.04 16.30 -24.44
CA THR A 470 10.33 15.48 -23.47
C THR A 470 10.56 16.09 -22.09
N ALA A 471 9.74 15.65 -21.13
CA ALA A 471 9.79 16.20 -19.80
C ALA A 471 11.03 15.71 -19.05
N VAL A 472 11.55 16.58 -18.17
CA VAL A 472 12.67 16.20 -17.33
C VAL A 472 12.17 15.49 -16.06
N HIS A 473 10.99 15.86 -15.57
CA HIS A 473 10.35 15.15 -14.46
C HIS A 473 9.14 14.40 -14.99
N HIS A 474 8.03 15.11 -15.17
CA HIS A 474 6.89 14.58 -15.90
C HIS A 474 6.21 15.72 -16.64
N ALA A 475 5.40 15.37 -17.64
CA ALA A 475 4.80 16.36 -18.52
C ALA A 475 3.92 17.35 -17.78
N PHE A 476 3.45 17.00 -16.58
CA PHE A 476 2.57 17.87 -15.80
C PHE A 476 3.33 18.84 -14.90
N THR A 477 4.64 18.96 -15.09
CA THR A 477 5.44 19.90 -14.33
C THR A 477 5.26 21.30 -14.90
N ALA A 478 5.03 22.27 -14.01
CA ALA A 478 4.79 23.63 -14.49
C ALA A 478 6.09 24.41 -14.59
N PRO A 479 6.24 25.23 -15.62
CA PRO A 479 7.40 26.12 -15.69
C PRO A 479 7.30 27.22 -14.66
N LYS A 480 8.46 27.80 -14.35
CA LYS A 480 8.47 28.98 -13.48
C LYS A 480 7.68 30.09 -14.16
N PRO A 481 6.95 30.91 -13.40
CA PRO A 481 6.12 31.96 -14.01
C PRO A 481 6.91 32.96 -14.86
N GLU A 482 8.23 33.00 -14.73
CA GLU A 482 9.04 33.86 -15.58
C GLU A 482 9.19 33.29 -16.98
N TRP A 483 9.20 31.97 -17.12
CA TRP A 483 9.37 31.30 -18.41
C TRP A 483 8.06 30.78 -18.98
N GLU A 484 6.92 31.10 -18.36
CA GLU A 484 5.65 30.60 -18.85
C GLU A 484 5.34 31.16 -20.25
N ASP A 485 5.81 32.37 -20.54
CA ASP A 485 5.57 32.99 -21.84
C ASP A 485 6.54 32.49 -22.92
N ARG A 486 7.47 31.60 -22.57
CA ARG A 486 8.50 31.18 -23.50
C ARG A 486 8.56 29.65 -23.62
N ILE A 487 7.42 28.98 -23.48
CA ILE A 487 7.38 27.54 -23.69
C ILE A 487 7.64 27.20 -25.15
N GLU A 488 7.14 28.02 -26.06
CA GLU A 488 7.27 27.77 -27.49
C GLU A 488 8.58 28.31 -28.06
N SER A 489 9.04 29.48 -27.60
CA SER A 489 10.22 30.12 -28.17
C SER A 489 11.49 29.32 -27.86
N ASP A 490 12.20 29.69 -26.79
CA ASP A 490 13.39 28.94 -26.37
C ASP A 490 12.91 27.82 -25.43
N THR A 491 12.71 26.63 -26.00
CA THR A 491 12.21 25.51 -25.20
C THR A 491 13.27 25.02 -24.22
N GLY A 492 14.53 24.91 -24.68
CA GLY A 492 15.57 24.37 -23.82
C GLY A 492 15.93 25.27 -22.65
N SER A 493 15.71 26.57 -22.79
CA SER A 493 16.03 27.52 -21.73
C SER A 493 14.95 27.60 -20.67
N VAL A 494 13.87 26.84 -20.78
CA VAL A 494 12.77 26.91 -19.83
C VAL A 494 13.21 26.30 -18.50
N LEU A 495 13.08 27.08 -17.43
CA LEU A 495 13.37 26.58 -16.09
C LEU A 495 12.10 26.06 -15.45
N ALA A 496 12.23 24.94 -14.75
CA ALA A 496 11.08 24.26 -14.16
C ALA A 496 10.87 24.70 -12.71
N ASP A 497 9.62 24.66 -12.28
CA ASP A 497 9.27 24.87 -10.87
C ASP A 497 9.39 23.59 -10.05
N ALA A 498 10.43 22.81 -10.29
CA ALA A 498 10.61 21.50 -9.67
C ALA A 498 11.73 21.54 -8.65
N TYR A 499 11.90 20.43 -7.94
CA TYR A 499 12.86 20.34 -6.84
C TYR A 499 13.10 18.87 -6.53
N ASP A 500 14.37 18.51 -6.34
CA ASP A 500 14.76 17.16 -5.98
C ASP A 500 15.64 17.21 -4.74
N ILE A 501 15.39 16.30 -3.80
CA ILE A 501 16.17 16.20 -2.57
C ILE A 501 17.14 15.03 -2.72
N VAL A 502 18.42 15.30 -2.44
CA VAL A 502 19.49 14.33 -2.63
C VAL A 502 20.17 14.09 -1.29
N CYS A 503 20.44 12.83 -0.98
CA CYS A 503 21.11 12.44 0.26
C CYS A 503 22.27 11.51 -0.06
N ASN A 504 23.49 11.99 0.21
CA ASN A 504 24.72 11.21 0.02
C ASN A 504 24.82 10.66 -1.41
N GLY A 505 24.53 11.51 -2.38
CA GLY A 505 24.58 11.12 -3.78
C GLY A 505 23.41 10.32 -4.28
N HIS A 506 22.42 10.05 -3.43
CA HIS A 506 21.22 9.31 -3.81
C HIS A 506 20.05 10.25 -3.91
N GLU A 507 19.26 10.08 -4.98
CA GLU A 507 18.00 10.82 -5.13
C GLU A 507 16.93 10.10 -4.32
N ILE A 508 16.48 10.72 -3.24
CA ILE A 508 15.49 10.12 -2.34
C ILE A 508 14.12 10.74 -2.47
N GLY A 509 13.95 11.72 -3.36
CA GLY A 509 12.66 12.36 -3.53
C GLY A 509 12.70 13.51 -4.51
N GLY A 510 11.57 13.77 -5.17
CA GLY A 510 11.48 14.85 -6.13
C GLY A 510 10.05 15.24 -6.45
N GLY A 511 9.81 16.54 -6.62
CA GLY A 511 8.48 17.02 -6.92
C GLY A 511 8.48 18.30 -7.72
N SER A 512 7.32 18.93 -7.86
CA SER A 512 7.19 20.15 -8.65
C SER A 512 5.82 20.76 -8.40
N VAL A 513 5.70 22.03 -8.77
CA VAL A 513 4.40 22.67 -8.87
C VAL A 513 3.78 22.27 -10.20
N ARG A 514 2.49 21.96 -10.19
CA ARG A 514 1.83 21.37 -11.35
C ARG A 514 1.19 22.44 -12.23
N ILE A 515 0.96 22.07 -13.48
CA ILE A 515 0.11 22.87 -14.37
C ILE A 515 -1.34 22.60 -14.00
N HIS A 516 -2.11 23.67 -13.77
CA HIS A 516 -3.52 23.54 -13.44
C HIS A 516 -4.41 24.33 -14.40
N ARG A 517 -3.89 24.70 -15.56
CA ARG A 517 -4.66 25.35 -16.61
C ARG A 517 -4.71 24.47 -17.85
N ARG A 518 -5.86 24.44 -18.51
CA ARG A 518 -6.01 23.59 -19.68
C ARG A 518 -5.12 24.03 -20.83
N ASP A 519 -4.94 25.35 -21.00
CA ASP A 519 -4.20 25.85 -22.15
C ASP A 519 -2.69 25.68 -21.99
N ILE A 520 -2.17 25.87 -20.78
CA ILE A 520 -0.72 25.72 -20.57
C ILE A 520 -0.32 24.26 -20.68
N GLN A 521 -1.14 23.35 -20.15
CA GLN A 521 -0.84 21.93 -20.26
C GLN A 521 -0.86 21.48 -21.72
N GLU A 522 -1.70 22.10 -22.55
CA GLU A 522 -1.72 21.77 -23.97
C GLU A 522 -0.52 22.35 -24.71
N ARG A 523 -0.05 23.53 -24.30
CA ARG A 523 1.17 24.08 -24.90
C ARG A 523 2.37 23.19 -24.60
N VAL A 524 2.49 22.73 -23.35
CA VAL A 524 3.57 21.84 -22.98
C VAL A 524 3.43 20.50 -23.71
N PHE A 525 2.19 20.02 -23.87
CA PHE A 525 1.97 18.81 -24.64
C PHE A 525 2.31 19.02 -26.11
N ALA A 526 1.99 20.18 -26.66
CA ALA A 526 2.28 20.45 -28.06
C ALA A 526 3.78 20.54 -28.32
N VAL A 527 4.55 21.03 -27.36
CA VAL A 527 6.00 21.12 -27.52
C VAL A 527 6.61 19.73 -27.60
N MET A 528 6.15 18.81 -26.75
CA MET A 528 6.71 17.47 -26.69
C MET A 528 6.23 16.56 -27.81
N GLY A 529 5.37 17.04 -28.70
CA GLY A 529 4.90 16.23 -29.80
C GLY A 529 3.58 15.52 -29.57
N LEU A 530 2.81 15.95 -28.57
CA LEU A 530 1.48 15.39 -28.32
C LEU A 530 0.46 16.22 -29.07
N ASP A 531 -0.16 15.64 -30.09
CA ASP A 531 -1.13 16.35 -30.90
C ASP A 531 -2.31 16.81 -30.06
N LYS A 532 -3.04 17.80 -30.58
CA LYS A 532 -4.19 18.33 -29.86
C LYS A 532 -5.24 17.26 -29.59
N ALA A 533 -5.33 16.26 -30.47
CA ALA A 533 -6.21 15.12 -30.24
C ALA A 533 -5.52 14.00 -29.48
N GLU A 534 -4.18 13.90 -29.56
CA GLU A 534 -3.46 12.86 -28.84
C GLU A 534 -3.50 13.07 -27.33
N ALA A 535 -3.79 14.29 -26.86
CA ALA A 535 -3.92 14.56 -25.43
C ALA A 535 -5.32 14.24 -24.92
N GLU A 536 -6.36 14.56 -25.72
CA GLU A 536 -7.73 14.26 -25.31
C GLU A 536 -7.96 12.75 -25.18
N GLU A 537 -7.27 11.95 -25.97
CA GLU A 537 -7.41 10.51 -25.88
C GLU A 537 -6.66 9.94 -24.68
N LYS A 538 -5.50 10.52 -24.35
CA LYS A 538 -4.68 10.01 -23.26
C LYS A 538 -4.94 10.73 -21.94
N PHE A 539 -5.13 12.05 -21.97
CA PHE A 539 -5.32 12.83 -20.75
C PHE A 539 -6.54 13.74 -20.87
N GLY A 540 -7.57 13.32 -21.60
CA GLY A 540 -8.75 14.14 -21.76
C GLY A 540 -9.51 14.35 -20.47
N PHE A 541 -9.40 13.41 -19.53
CA PHE A 541 -10.08 13.56 -18.25
C PHE A 541 -9.39 14.59 -17.38
N LEU A 542 -8.06 14.66 -17.44
CA LEU A 542 -7.33 15.62 -16.63
C LEU A 542 -7.50 17.04 -17.17
N LEU A 543 -7.41 17.21 -18.49
CA LEU A 543 -7.65 18.51 -19.09
C LEU A 543 -9.08 18.97 -18.84
N GLU A 544 -10.03 18.04 -18.78
CA GLU A 544 -11.41 18.39 -18.45
C GLU A 544 -11.51 18.90 -17.01
N ALA A 545 -10.82 18.25 -16.08
CA ALA A 545 -10.90 18.63 -14.67
C ALA A 545 -10.32 20.03 -14.44
N PHE A 546 -9.41 20.49 -15.29
CA PHE A 546 -8.86 21.82 -15.14
C PHE A 546 -9.84 22.91 -15.53
N MET A 547 -10.97 22.56 -16.15
CA MET A 547 -12.00 23.51 -16.49
C MET A 547 -13.01 23.73 -15.37
N PHE A 548 -12.86 23.02 -14.25
CA PHE A 548 -13.85 23.12 -13.17
C PHE A 548 -13.21 23.58 -11.86
N GLY A 549 -12.51 24.70 -11.90
CA GLY A 549 -11.95 25.29 -10.71
C GLY A 549 -10.76 24.54 -10.15
N ALA A 550 -9.73 24.32 -10.96
CA ALA A 550 -8.53 23.64 -10.50
C ALA A 550 -7.66 24.60 -9.70
N PRO A 551 -7.25 24.24 -8.48
CA PRO A 551 -6.44 25.15 -7.67
C PRO A 551 -4.97 25.01 -8.02
N PRO A 552 -4.15 26.02 -7.68
CA PRO A 552 -2.69 25.85 -7.79
C PRO A 552 -2.22 24.83 -6.77
N HIS A 553 -1.53 23.80 -7.25
CA HIS A 553 -1.15 22.68 -6.40
C HIS A 553 0.22 22.15 -6.79
N GLY A 554 0.83 21.42 -5.86
CA GLY A 554 2.12 20.78 -6.08
C GLY A 554 2.34 19.71 -5.04
N GLY A 555 3.39 18.93 -5.23
CA GLY A 555 3.68 17.85 -4.32
C GLY A 555 5.06 17.29 -4.50
N ILE A 556 5.25 16.07 -3.98
CA ILE A 556 6.56 15.42 -3.97
C ILE A 556 6.35 13.95 -3.64
N ALA A 557 7.26 13.11 -4.13
CA ALA A 557 7.24 11.67 -3.85
C ALA A 557 8.64 11.23 -3.48
N PHE A 558 8.74 10.45 -2.41
CA PHE A 558 10.02 9.94 -1.92
C PHE A 558 10.19 8.48 -2.33
N GLY A 559 11.35 8.15 -2.88
CA GLY A 559 11.70 6.76 -3.13
C GLY A 559 11.85 6.01 -1.83
N TRP A 560 10.81 5.29 -1.42
CA TRP A 560 10.76 4.75 -0.07
C TRP A 560 11.72 3.60 0.13
N ASP A 561 12.08 2.88 -0.94
CA ASP A 561 13.05 1.80 -0.80
C ASP A 561 14.45 2.34 -0.52
N ARG A 562 14.86 3.38 -1.25
CA ARG A 562 16.18 3.96 -1.02
C ARG A 562 16.22 4.70 0.31
N THR A 563 15.16 5.42 0.66
CA THR A 563 15.13 6.14 1.93
C THR A 563 15.28 5.19 3.12
N THR A 564 14.63 4.03 3.05
CA THR A 564 14.74 3.05 4.13
C THR A 564 16.12 2.41 4.13
N ALA A 565 16.66 2.10 2.94
CA ALA A 565 17.98 1.49 2.86
C ALA A 565 19.06 2.40 3.42
N LEU A 566 18.90 3.72 3.26
CA LEU A 566 19.85 4.65 3.87
C LEU A 566 19.73 4.64 5.39
N LEU A 567 18.50 4.67 5.90
CA LEU A 567 18.29 4.64 7.35
C LEU A 567 18.78 3.35 7.96
N ALA A 568 18.72 2.24 7.21
CA ALA A 568 19.16 0.95 7.70
C ALA A 568 20.65 0.70 7.47
N GLY A 569 21.33 1.57 6.72
CA GLY A 569 22.72 1.37 6.41
C GLY A 569 23.01 0.36 5.32
N MET A 570 22.00 -0.03 4.55
CA MET A 570 22.15 -1.01 3.48
C MET A 570 22.35 -0.28 2.15
N ASP A 571 23.35 -0.71 1.38
CA ASP A 571 23.59 -0.11 0.08
C ASP A 571 22.62 -0.65 -0.97
N SER A 572 22.18 -1.90 -0.83
CA SER A 572 21.23 -2.50 -1.74
C SER A 572 19.82 -2.34 -1.18
N ILE A 573 18.90 -1.88 -2.03
CA ILE A 573 17.53 -1.64 -1.59
C ILE A 573 16.78 -2.94 -1.32
N ARG A 574 17.25 -4.06 -1.87
CA ARG A 574 16.57 -5.34 -1.65
C ARG A 574 16.66 -5.79 -0.21
N GLU A 575 17.59 -5.24 0.58
CA GLU A 575 17.71 -5.62 1.98
C GLU A 575 16.54 -5.09 2.83
N VAL A 576 15.85 -4.06 2.36
CA VAL A 576 14.71 -3.50 3.10
C VAL A 576 13.38 -3.86 2.46
N ILE A 577 13.39 -4.72 1.44
CA ILE A 577 12.18 -5.27 0.86
C ILE A 577 12.02 -6.70 1.39
N ALA A 578 10.82 -7.03 1.85
CA ALA A 578 10.60 -8.33 2.50
C ALA A 578 10.88 -9.47 1.53
N PHE A 579 10.24 -9.46 0.36
CA PHE A 579 10.41 -10.49 -0.65
C PHE A 579 10.78 -9.83 -1.97
N PRO A 580 12.04 -9.44 -2.14
CA PRO A 580 12.45 -8.77 -3.37
C PRO A 580 12.77 -9.76 -4.47
N LYS A 581 13.00 -9.23 -5.66
CA LYS A 581 13.39 -10.01 -6.83
C LYS A 581 14.84 -9.72 -7.18
N THR A 582 15.36 -10.49 -8.13
CA THR A 582 16.70 -10.28 -8.63
C THR A 582 16.69 -9.17 -9.69
N GLY A 583 17.85 -8.91 -10.27
CA GLY A 583 17.92 -8.05 -11.44
C GLY A 583 17.33 -8.76 -12.63
N GLY A 584 16.34 -8.13 -13.26
CA GLY A 584 15.63 -8.74 -14.37
C GLY A 584 14.30 -9.37 -14.02
N GLY A 585 13.74 -9.07 -12.86
CA GLY A 585 12.44 -9.57 -12.48
C GLY A 585 12.38 -11.03 -12.09
N VAL A 586 13.51 -11.74 -12.07
CA VAL A 586 13.50 -13.15 -11.71
C VAL A 586 13.18 -13.29 -10.23
N ASP A 587 12.25 -14.20 -9.91
CA ASP A 587 11.79 -14.44 -8.54
C ASP A 587 12.18 -15.85 -8.14
N PRO A 588 13.33 -16.03 -7.47
CA PRO A 588 13.74 -17.38 -7.06
C PRO A 588 12.82 -18.00 -6.03
N LEU A 589 12.05 -17.20 -5.28
CA LEU A 589 11.17 -17.75 -4.27
C LEU A 589 9.98 -18.46 -4.90
N THR A 590 9.16 -17.73 -5.64
CA THR A 590 7.92 -18.26 -6.19
C THR A 590 8.05 -18.71 -7.65
N ASP A 591 9.24 -18.65 -8.23
CA ASP A 591 9.48 -19.07 -9.61
C ASP A 591 8.61 -18.32 -10.61
N ALA A 592 8.32 -17.05 -10.32
CA ALA A 592 7.55 -16.17 -11.19
C ALA A 592 8.48 -15.33 -12.06
N PRO A 593 8.09 -14.99 -13.29
CA PRO A 593 6.81 -15.33 -13.92
C PRO A 593 6.80 -16.72 -14.57
N ALA A 594 5.63 -17.36 -14.58
CA ALA A 594 5.47 -18.68 -15.17
C ALA A 594 4.39 -18.63 -16.25
N PRO A 595 4.49 -19.49 -17.26
CA PRO A 595 3.44 -19.54 -18.29
C PRO A 595 2.11 -19.98 -17.71
N ILE A 596 1.07 -19.85 -18.53
CA ILE A 596 -0.29 -20.14 -18.14
C ILE A 596 -0.82 -21.30 -18.99
N THR A 597 -1.97 -21.82 -18.58
CA THR A 597 -2.60 -22.91 -19.30
C THR A 597 -3.30 -22.38 -20.56
N ALA A 598 -3.96 -23.28 -21.29
CA ALA A 598 -4.76 -22.86 -22.43
C ALA A 598 -6.12 -22.33 -22.00
N GLN A 599 -6.69 -22.87 -20.92
CA GLN A 599 -7.93 -22.35 -20.38
C GLN A 599 -7.73 -20.95 -19.79
N GLN A 600 -6.59 -20.73 -19.14
CA GLN A 600 -6.29 -19.39 -18.60
C GLN A 600 -6.07 -18.39 -19.72
N ARG A 601 -5.30 -18.78 -20.74
CA ARG A 601 -5.00 -17.88 -21.85
C ARG A 601 -6.25 -17.47 -22.63
N LYS A 602 -7.31 -18.28 -22.59
CA LYS A 602 -8.51 -17.98 -23.37
C LYS A 602 -9.09 -16.63 -23.00
N GLU A 603 -9.09 -16.27 -21.72
CA GLU A 603 -9.59 -14.98 -21.27
C GLU A 603 -8.49 -13.93 -21.46
N SER A 604 -8.35 -13.50 -22.71
CA SER A 604 -7.31 -12.52 -23.06
C SER A 604 -7.71 -11.75 -24.33
N PHE B 22 3.12 36.57 -2.70
CA PHE B 22 1.66 36.49 -2.66
C PHE B 22 1.20 35.33 -1.78
N VAL B 23 0.71 35.65 -0.59
CA VAL B 23 0.20 34.65 0.34
C VAL B 23 -1.22 34.31 -0.06
N LEU B 24 -1.44 33.07 -0.54
CA LEU B 24 -2.75 32.69 -1.04
C LEU B 24 -3.76 32.50 0.10
N ARG B 25 -3.29 32.11 1.28
CA ARG B 25 -4.18 31.88 2.41
C ARG B 25 -3.45 32.15 3.70
N SER B 26 -4.13 32.82 4.64
CA SER B 26 -3.61 33.05 5.97
C SER B 26 -4.52 32.56 7.09
N HIS B 27 -5.81 32.32 6.80
CA HIS B 27 -6.75 31.84 7.80
C HIS B 27 -7.60 30.74 7.20
N ALA B 28 -8.08 29.85 8.07
CA ALA B 28 -9.11 28.89 7.67
C ALA B 28 -10.45 29.60 7.58
N ALA B 29 -11.10 29.50 6.42
CA ALA B 29 -12.33 30.25 6.20
C ALA B 29 -13.42 29.87 7.20
N GLY B 30 -13.54 28.59 7.51
CA GLY B 30 -14.54 28.12 8.45
C GLY B 30 -14.24 28.32 9.91
N LEU B 31 -13.12 28.97 10.24
CA LEU B 31 -12.73 29.18 11.63
C LEU B 31 -12.82 30.64 12.05
N LEU B 32 -13.41 31.50 11.22
CA LEU B 32 -13.59 32.90 11.57
C LEU B 32 -14.85 33.06 12.42
N ARG B 33 -14.72 33.74 13.55
CA ARG B 33 -15.81 33.93 14.49
C ARG B 33 -16.07 35.43 14.69
N GLU B 34 -16.90 35.73 15.69
CA GLU B 34 -17.21 37.13 16.00
C GLU B 34 -16.02 37.86 16.62
N GLY B 35 -15.06 37.13 17.17
CA GLY B 35 -13.91 37.77 17.79
C GLY B 35 -12.87 38.26 16.80
N ASP B 36 -12.78 37.59 15.64
CA ASP B 36 -11.79 37.95 14.62
C ASP B 36 -12.19 39.18 13.81
N ALA B 37 -13.05 40.04 14.35
CA ALA B 37 -13.44 41.25 13.64
C ALA B 37 -12.30 42.25 13.61
N GLY B 38 -12.18 42.97 12.48
CA GLY B 38 -11.11 43.92 12.30
C GLY B 38 -9.81 43.33 11.79
N GLN B 39 -9.71 42.01 11.67
CA GLN B 39 -8.49 41.38 11.21
C GLN B 39 -8.40 41.41 9.69
N GLN B 40 -7.20 41.68 9.18
CA GLN B 40 -6.93 41.60 7.75
C GLN B 40 -6.52 40.17 7.43
N VAL B 41 -7.43 39.41 6.84
CA VAL B 41 -7.23 37.99 6.59
C VAL B 41 -7.26 37.73 5.09
N THR B 42 -6.65 36.61 4.70
CA THR B 42 -6.62 36.15 3.31
C THR B 42 -7.19 34.75 3.26
N LEU B 43 -8.24 34.56 2.48
CA LEU B 43 -8.91 33.27 2.35
C LEU B 43 -8.66 32.67 0.97
N ALA B 44 -8.69 31.35 0.90
CA ALA B 44 -8.51 30.62 -0.35
C ALA B 44 -9.46 29.46 -0.39
N GLY B 45 -10.14 29.28 -1.53
CA GLY B 45 -11.09 28.19 -1.66
C GLY B 45 -11.91 28.32 -2.93
N TRP B 46 -13.10 27.72 -2.89
CA TRP B 46 -13.99 27.69 -4.03
C TRP B 46 -15.27 28.47 -3.73
N VAL B 47 -15.81 29.10 -4.77
CA VAL B 47 -17.06 29.85 -4.65
C VAL B 47 -18.20 28.84 -4.59
N ALA B 48 -18.79 28.66 -3.41
CA ALA B 48 -19.93 27.76 -3.29
C ALA B 48 -21.16 28.31 -4.00
N ARG B 49 -21.39 29.62 -3.88
CA ARG B 49 -22.49 30.27 -4.58
C ARG B 49 -22.21 31.77 -4.63
N ARG B 50 -22.97 32.46 -5.48
CA ARG B 50 -22.86 33.90 -5.63
C ARG B 50 -24.25 34.48 -5.81
N ARG B 51 -24.53 35.58 -5.10
CA ARG B 51 -25.81 36.26 -5.17
C ARG B 51 -25.59 37.76 -5.19
N ASP B 52 -26.25 38.44 -6.13
CA ASP B 52 -26.14 39.89 -6.28
C ASP B 52 -27.37 40.55 -5.70
N HIS B 53 -27.17 41.43 -4.73
CA HIS B 53 -28.25 42.14 -4.05
C HIS B 53 -27.99 43.64 -4.17
N GLY B 54 -28.65 44.27 -5.14
CA GLY B 54 -28.52 45.72 -5.32
C GLY B 54 -27.15 46.18 -5.76
N GLY B 55 -26.53 45.47 -6.71
CA GLY B 55 -25.22 45.85 -7.21
C GLY B 55 -24.06 45.42 -6.35
N VAL B 56 -24.30 44.74 -5.23
CA VAL B 56 -23.25 44.26 -4.33
C VAL B 56 -23.16 42.75 -4.48
N ILE B 57 -21.95 42.25 -4.70
CA ILE B 57 -21.73 40.83 -4.96
C ILE B 57 -21.44 40.12 -3.65
N PHE B 58 -22.21 39.07 -3.37
CA PHE B 58 -22.03 38.23 -2.18
C PHE B 58 -21.68 36.82 -2.64
N ILE B 59 -20.62 36.26 -2.07
CA ILE B 59 -20.21 34.89 -2.38
C ILE B 59 -20.02 34.11 -1.09
N ASP B 60 -20.12 32.78 -1.21
CA ASP B 60 -19.85 31.86 -0.12
C ASP B 60 -18.54 31.14 -0.46
N LEU B 61 -17.46 31.54 0.20
CA LEU B 61 -16.16 30.93 -0.03
C LEU B 61 -16.01 29.70 0.84
N ARG B 62 -15.66 28.57 0.21
CA ARG B 62 -15.57 27.29 0.89
C ARG B 62 -14.17 26.70 0.71
N ASP B 63 -13.54 26.33 1.83
CA ASP B 63 -12.38 25.45 1.78
C ASP B 63 -12.68 24.23 2.63
N ALA B 64 -11.65 23.48 3.04
CA ALA B 64 -11.88 22.27 3.81
C ALA B 64 -12.35 22.54 5.23
N SER B 65 -12.25 23.79 5.71
CA SER B 65 -12.61 24.11 7.08
C SER B 65 -14.03 24.60 7.26
N GLY B 66 -14.70 25.00 6.19
CA GLY B 66 -16.06 25.48 6.28
C GLY B 66 -16.32 26.55 5.23
N ILE B 67 -17.33 27.37 5.51
CA ILE B 67 -17.78 28.41 4.59
C ILE B 67 -17.82 29.74 5.32
N ALA B 68 -17.28 30.78 4.68
CA ALA B 68 -17.38 32.14 5.17
C ALA B 68 -17.84 33.04 4.04
N GLN B 69 -18.61 34.08 4.39
CA GLN B 69 -19.18 34.99 3.41
C GLN B 69 -18.18 36.09 3.08
N VAL B 70 -17.99 36.35 1.79
CA VAL B 70 -17.10 37.40 1.30
C VAL B 70 -17.93 38.38 0.48
N VAL B 71 -17.80 39.67 0.78
CA VAL B 71 -18.60 40.72 0.17
C VAL B 71 -17.68 41.68 -0.56
N PHE B 72 -18.12 42.11 -1.75
CA PHE B 72 -17.42 43.12 -2.53
C PHE B 72 -18.29 44.39 -2.53
N ARG B 73 -17.80 45.44 -1.88
CA ARG B 73 -18.61 46.64 -1.68
C ARG B 73 -17.91 47.79 -2.39
N ASP B 74 -17.46 48.81 -1.66
CA ASP B 74 -16.89 49.98 -2.29
C ASP B 74 -15.62 49.62 -3.06
N PRO B 75 -15.41 50.20 -4.24
CA PRO B 75 -14.23 49.84 -5.03
C PRO B 75 -12.94 50.39 -4.46
N GLN B 76 -12.35 49.70 -3.48
CA GLN B 76 -10.99 50.03 -3.05
C GLN B 76 -10.04 49.99 -4.22
N ASP B 77 -10.14 48.93 -5.03
CA ASP B 77 -9.52 48.87 -6.35
C ASP B 77 -10.62 48.61 -7.36
N THR B 78 -10.66 49.43 -8.41
CA THR B 78 -11.71 49.26 -9.43
C THR B 78 -11.53 47.98 -10.23
N GLU B 79 -10.34 47.37 -10.19
CA GLU B 79 -10.11 46.11 -10.89
C GLU B 79 -10.70 44.92 -10.15
N VAL B 80 -11.01 45.08 -8.86
CA VAL B 80 -11.56 43.97 -8.09
C VAL B 80 -12.99 43.67 -8.54
N LEU B 81 -13.80 44.71 -8.70
CA LEU B 81 -15.20 44.51 -9.09
C LEU B 81 -15.31 43.88 -10.47
N ALA B 82 -14.35 44.14 -11.36
CA ALA B 82 -14.37 43.51 -12.68
C ALA B 82 -14.16 42.00 -12.57
N GLN B 83 -13.26 41.57 -11.68
CA GLN B 83 -13.06 40.14 -11.46
C GLN B 83 -14.19 39.51 -10.66
N ALA B 84 -14.82 40.28 -9.77
CA ALA B 84 -15.93 39.74 -8.98
C ALA B 84 -17.13 39.42 -9.85
N HIS B 85 -17.38 40.23 -10.88
CA HIS B 85 -18.47 39.95 -11.81
C HIS B 85 -18.21 38.70 -12.65
N ARG B 86 -16.97 38.21 -12.67
CA ARG B 86 -16.66 36.98 -13.39
C ARG B 86 -16.87 35.73 -12.54
N LEU B 87 -16.98 35.88 -11.22
CA LEU B 87 -17.06 34.73 -10.33
C LEU B 87 -18.38 33.99 -10.52
N ARG B 88 -18.29 32.67 -10.67
CA ARG B 88 -19.48 31.82 -10.74
C ARG B 88 -19.34 30.66 -9.75
N ALA B 89 -20.19 29.65 -9.89
CA ALA B 89 -20.17 28.53 -8.96
C ALA B 89 -18.89 27.71 -9.13
N GLU B 90 -18.31 27.31 -7.99
CA GLU B 90 -17.12 26.47 -7.93
C GLU B 90 -15.89 27.15 -8.53
N PHE B 91 -15.90 28.47 -8.65
CA PHE B 91 -14.71 29.20 -9.03
C PHE B 91 -13.67 29.11 -7.93
N CYS B 92 -12.44 28.76 -8.29
CA CYS B 92 -11.34 28.69 -7.33
C CYS B 92 -10.68 30.06 -7.24
N VAL B 93 -10.78 30.68 -6.06
CA VAL B 93 -10.33 32.05 -5.87
C VAL B 93 -9.52 32.17 -4.60
N SER B 94 -8.74 33.25 -4.53
CA SER B 94 -8.07 33.68 -3.31
C SER B 94 -8.45 35.13 -3.06
N VAL B 95 -9.06 35.40 -1.91
CA VAL B 95 -9.58 36.72 -1.60
C VAL B 95 -8.96 37.19 -0.28
N ALA B 96 -8.67 38.50 -0.20
CA ALA B 96 -8.13 39.12 1.00
C ALA B 96 -9.00 40.31 1.37
N GLY B 97 -9.22 40.47 2.67
CA GLY B 97 -10.04 41.58 3.14
C GLY B 97 -10.09 41.62 4.65
N VAL B 98 -10.98 42.46 5.15
CA VAL B 98 -11.16 42.68 6.58
C VAL B 98 -12.43 41.96 7.03
N VAL B 99 -12.40 41.45 8.25
CA VAL B 99 -13.55 40.74 8.82
C VAL B 99 -14.40 41.75 9.58
N GLU B 100 -15.68 41.83 9.22
CA GLU B 100 -16.62 42.74 9.86
C GLU B 100 -17.85 41.96 10.30
N ILE B 101 -18.62 42.58 11.19
CA ILE B 101 -19.84 41.98 11.70
C ILE B 101 -20.98 42.27 10.73
N ARG B 102 -21.82 41.26 10.47
CA ARG B 102 -22.98 41.47 9.63
C ARG B 102 -23.95 42.41 10.34
N PRO B 103 -24.65 43.28 9.60
CA PRO B 103 -25.62 44.17 10.23
C PRO B 103 -26.74 43.38 10.90
N GLU B 104 -27.44 44.06 11.82
CA GLU B 104 -28.52 43.42 12.56
C GLU B 104 -29.61 42.93 11.60
N GLY B 105 -29.83 41.63 11.60
CA GLY B 105 -30.74 40.99 10.68
C GLY B 105 -30.10 40.18 9.58
N ASN B 106 -28.81 39.84 9.71
CA ASN B 106 -28.11 39.05 8.70
C ASN B 106 -27.35 37.86 9.29
N ALA B 107 -27.41 37.65 10.59
CA ALA B 107 -26.70 36.53 11.20
C ALA B 107 -27.41 35.22 10.87
N ASN B 108 -26.63 34.22 10.48
CA ASN B 108 -27.19 32.92 10.11
C ASN B 108 -26.97 31.95 11.28
N PRO B 109 -28.01 31.57 12.01
CA PRO B 109 -27.83 30.65 13.14
C PRO B 109 -27.53 29.22 12.74
N GLU B 110 -27.50 28.91 11.45
CA GLU B 110 -27.19 27.56 10.97
C GLU B 110 -25.77 27.41 10.47
N ILE B 111 -25.02 28.51 10.35
CA ILE B 111 -23.63 28.49 9.89
C ILE B 111 -22.74 28.98 11.03
N ALA B 112 -21.64 28.27 11.26
CA ALA B 112 -20.73 28.61 12.34
C ALA B 112 -20.18 30.03 12.17
N THR B 113 -19.80 30.40 10.96
CA THR B 113 -19.31 31.74 10.66
C THR B 113 -20.42 32.72 10.30
N GLY B 114 -21.67 32.37 10.58
CA GLY B 114 -22.81 33.18 10.18
C GLY B 114 -22.91 34.52 10.87
N GLU B 115 -22.15 34.76 11.93
CA GLU B 115 -22.20 36.02 12.66
C GLU B 115 -21.28 37.09 12.09
N ILE B 116 -20.45 36.74 11.09
CA ILE B 116 -19.47 37.66 10.53
C ILE B 116 -19.44 37.52 9.02
N GLU B 117 -18.67 38.40 8.39
CA GLU B 117 -18.43 38.35 6.95
C GLU B 117 -17.06 38.98 6.67
N VAL B 118 -16.62 38.87 5.43
CA VAL B 118 -15.31 39.35 5.01
C VAL B 118 -15.52 40.39 3.92
N ASN B 119 -15.23 41.65 4.22
CA ASN B 119 -15.28 42.72 3.23
C ASN B 119 -13.99 42.70 2.43
N ALA B 120 -14.10 42.33 1.15
CA ALA B 120 -12.93 42.04 0.34
C ALA B 120 -12.12 43.30 0.04
N THR B 121 -10.80 43.14 -0.05
CA THR B 121 -9.88 44.18 -0.48
C THR B 121 -9.29 43.88 -1.85
N SER B 122 -8.82 42.66 -2.06
CA SER B 122 -8.29 42.23 -3.35
C SER B 122 -8.87 40.86 -3.69
N LEU B 123 -8.90 40.56 -4.99
CA LEU B 123 -9.46 39.30 -5.48
C LEU B 123 -8.57 38.76 -6.59
N THR B 124 -8.30 37.46 -6.54
CA THR B 124 -7.53 36.77 -7.56
C THR B 124 -8.25 35.50 -7.95
N VAL B 125 -8.46 35.31 -9.25
CA VAL B 125 -9.10 34.11 -9.78
C VAL B 125 -8.00 33.11 -10.10
N LEU B 126 -7.95 32.01 -9.32
CA LEU B 126 -6.91 31.01 -9.51
C LEU B 126 -7.30 29.93 -10.52
N GLY B 127 -8.59 29.68 -10.71
CA GLY B 127 -9.04 28.69 -11.65
C GLY B 127 -10.46 28.92 -12.13
N GLU B 128 -10.62 29.28 -13.39
CA GLU B 128 -11.95 29.53 -13.95
C GLU B 128 -12.72 28.21 -14.05
N CYS B 129 -13.92 28.19 -13.50
CA CYS B 129 -14.76 26.99 -13.48
C CYS B 129 -15.88 27.13 -14.50
N ALA B 130 -16.00 26.14 -15.38
CA ALA B 130 -17.06 26.10 -16.37
C ALA B 130 -18.38 25.73 -15.69
N PRO B 131 -19.52 25.91 -16.38
CA PRO B 131 -20.78 25.43 -15.83
C PRO B 131 -20.72 23.93 -15.54
N LEU B 132 -21.08 23.57 -14.31
CA LEU B 132 -20.88 22.21 -13.83
C LEU B 132 -21.79 21.22 -14.55
N PRO B 133 -21.36 19.97 -14.68
CA PRO B 133 -22.29 18.93 -15.16
C PRO B 133 -23.42 18.65 -14.19
N PHE B 134 -23.24 18.94 -12.90
CA PHE B 134 -24.29 18.83 -11.92
C PHE B 134 -23.94 19.75 -10.75
N GLN B 135 -24.97 20.31 -10.12
CA GLN B 135 -24.77 21.14 -8.95
C GLN B 135 -24.49 20.26 -7.74
N LEU B 136 -23.65 20.77 -6.83
CA LEU B 136 -23.18 19.97 -5.71
C LEU B 136 -24.29 19.61 -4.73
N ASP B 137 -25.38 20.38 -4.71
CA ASP B 137 -26.50 20.08 -3.83
C ASP B 137 -27.57 19.24 -4.51
N GLU B 138 -27.41 18.93 -5.80
CA GLU B 138 -28.35 18.09 -6.54
C GLU B 138 -27.58 16.86 -7.02
N PRO B 139 -27.61 15.76 -6.26
CA PRO B 139 -26.89 14.56 -6.68
C PRO B 139 -27.40 14.04 -8.02
N ALA B 140 -26.47 13.48 -8.80
CA ALA B 140 -26.74 13.06 -10.16
C ALA B 140 -26.66 11.53 -10.26
N GLY B 141 -26.71 11.03 -11.49
CA GLY B 141 -26.64 9.60 -11.74
C GLY B 141 -25.28 9.03 -11.39
N GLU B 142 -25.25 7.70 -11.29
CA GLU B 142 -24.02 7.01 -10.90
C GLU B 142 -22.91 7.20 -11.92
N GLU B 143 -23.24 7.00 -13.20
CA GLU B 143 -22.23 7.18 -14.25
C GLU B 143 -21.72 8.62 -14.30
N LEU B 144 -22.59 9.58 -13.98
CA LEU B 144 -22.15 10.99 -13.97
C LEU B 144 -21.32 11.29 -12.72
N ARG B 145 -21.70 10.71 -11.58
CA ARG B 145 -20.94 10.94 -10.35
C ARG B 145 -19.54 10.37 -10.44
N LEU B 146 -19.36 9.26 -11.16
CA LEU B 146 -18.04 8.65 -11.25
C LEU B 146 -17.18 9.28 -12.35
N LYS B 147 -17.81 9.75 -13.43
CA LYS B 147 -17.05 10.45 -14.47
C LYS B 147 -16.45 11.74 -13.93
N TYR B 148 -17.25 12.51 -13.20
CA TYR B 148 -16.75 13.71 -12.54
C TYR B 148 -16.62 13.47 -11.04
N ARG B 149 -15.89 12.41 -10.68
CA ARG B 149 -15.75 12.04 -9.27
C ARG B 149 -15.05 13.12 -8.47
N TYR B 150 -14.10 13.83 -9.07
CA TYR B 150 -13.43 14.92 -8.38
C TYR B 150 -14.40 16.05 -8.01
N LEU B 151 -15.53 16.14 -8.70
CA LEU B 151 -16.54 17.12 -8.33
C LEU B 151 -17.51 16.59 -7.28
N ASP B 152 -17.86 15.31 -7.37
CA ASP B 152 -18.73 14.70 -6.35
C ASP B 152 -18.03 14.68 -4.99
N LEU B 153 -16.71 14.51 -4.96
CA LEU B 153 -15.96 14.54 -3.72
C LEU B 153 -15.96 15.90 -3.05
N ARG B 154 -16.32 16.97 -3.77
CA ARG B 154 -16.44 18.28 -3.14
C ARG B 154 -17.65 18.39 -2.23
N ARG B 155 -18.62 17.49 -2.37
CA ARG B 155 -19.79 17.49 -1.51
C ARG B 155 -19.41 17.11 -0.09
N ASP B 156 -20.33 17.36 0.83
CA ASP B 156 -20.04 17.14 2.26
C ASP B 156 -19.97 15.66 2.58
N ASP B 157 -20.99 14.89 2.18
CA ASP B 157 -21.03 13.47 2.55
C ASP B 157 -19.89 12.67 1.93
N PRO B 158 -19.60 12.78 0.63
CA PRO B 158 -18.45 12.00 0.10
C PRO B 158 -17.12 12.41 0.70
N ALA B 159 -16.91 13.70 0.93
CA ALA B 159 -15.63 14.14 1.50
C ALA B 159 -15.47 13.66 2.94
N ALA B 160 -16.54 13.74 3.73
CA ALA B 160 -16.46 13.27 5.11
C ALA B 160 -16.26 11.77 5.18
N ALA B 161 -16.68 11.03 4.16
CA ALA B 161 -16.50 9.58 4.16
C ALA B 161 -15.06 9.20 3.83
N ILE B 162 -14.45 9.84 2.84
CA ILE B 162 -13.06 9.58 2.53
C ILE B 162 -12.15 10.02 3.68
N ARG B 163 -12.48 11.14 4.32
CA ARG B 163 -11.72 11.59 5.47
C ARG B 163 -11.93 10.70 6.69
N LEU B 164 -13.08 10.00 6.76
CA LEU B 164 -13.27 9.04 7.84
C LEU B 164 -12.44 7.78 7.60
N ARG B 165 -12.33 7.34 6.35
CA ARG B 165 -11.52 6.17 6.04
C ARG B 165 -10.07 6.38 6.43
N SER B 166 -9.58 7.61 6.34
CA SER B 166 -8.23 7.90 6.81
C SER B 166 -8.11 7.68 8.31
N ARG B 167 -9.16 8.02 9.06
CA ARG B 167 -9.16 7.75 10.49
C ARG B 167 -9.31 6.26 10.78
N VAL B 168 -9.95 5.51 9.89
CA VAL B 168 -10.11 4.08 10.10
C VAL B 168 -8.80 3.35 9.88
N ASN B 169 -8.03 3.76 8.87
CA ASN B 169 -6.70 3.18 8.66
C ASN B 169 -5.80 3.44 9.85
N ALA B 170 -5.90 4.63 10.45
CA ALA B 170 -5.06 4.96 11.59
C ALA B 170 -5.56 4.29 12.88
N ALA B 171 -6.87 4.11 13.02
CA ALA B 171 -7.40 3.46 14.21
C ALA B 171 -6.99 1.99 14.28
N ALA B 172 -6.85 1.33 13.13
CA ALA B 172 -6.40 -0.06 13.13
C ALA B 172 -4.91 -0.16 13.45
N ARG B 173 -4.11 0.77 12.90
CA ARG B 173 -2.68 0.75 13.18
C ARG B 173 -2.38 1.04 14.64
N ALA B 174 -3.21 1.87 15.29
CA ALA B 174 -2.96 2.22 16.69
C ALA B 174 -3.09 1.00 17.60
N VAL B 175 -4.02 0.09 17.28
CA VAL B 175 -4.18 -1.11 18.08
C VAL B 175 -3.01 -2.06 17.83
N LEU B 176 -2.64 -2.26 16.57
CA LEU B 176 -1.59 -3.20 16.23
C LEU B 176 -0.21 -2.70 16.65
N ALA B 177 -0.01 -1.38 16.67
CA ALA B 177 1.25 -0.83 17.14
C ALA B 177 1.43 -1.06 18.64
N ARG B 178 0.33 -1.10 19.39
CA ARG B 178 0.42 -1.41 20.82
C ARG B 178 0.73 -2.89 21.07
N HIS B 179 0.45 -3.76 20.10
CA HIS B 179 0.65 -5.19 20.26
C HIS B 179 1.86 -5.69 19.47
N ASP B 180 2.84 -4.80 19.24
CA ASP B 180 4.12 -5.17 18.64
C ASP B 180 3.97 -5.77 17.25
N PHE B 181 2.93 -5.38 16.52
CA PHE B 181 2.79 -5.83 15.14
C PHE B 181 3.77 -5.07 14.25
N VAL B 182 4.07 -5.67 13.10
CA VAL B 182 5.03 -5.13 12.14
C VAL B 182 4.32 -4.98 10.80
N GLU B 183 4.30 -3.75 10.28
CA GLU B 183 3.74 -3.49 8.96
C GLU B 183 4.75 -3.91 7.90
N ILE B 184 4.36 -4.89 7.08
CA ILE B 184 5.24 -5.45 6.05
C ILE B 184 4.50 -5.46 4.74
N GLU B 185 5.16 -4.97 3.68
CA GLU B 185 4.58 -4.94 2.35
C GLU B 185 4.99 -6.17 1.57
N THR B 186 3.99 -6.89 1.03
CA THR B 186 4.16 -8.09 0.24
C THR B 186 4.06 -7.75 -1.25
N PRO B 187 4.67 -8.56 -2.12
CA PRO B 187 4.65 -8.22 -3.55
C PRO B 187 3.26 -8.27 -4.14
N THR B 188 3.03 -7.40 -5.12
CA THR B 188 1.80 -7.41 -5.91
C THR B 188 2.03 -7.89 -7.34
N ILE B 189 3.27 -7.95 -7.80
CA ILE B 189 3.62 -8.60 -9.05
C ILE B 189 4.34 -9.88 -8.67
N THR B 190 3.60 -11.00 -8.66
CA THR B 190 4.14 -12.23 -8.10
C THR B 190 3.40 -13.42 -8.71
N ARG B 191 3.28 -14.50 -7.95
CA ARG B 191 2.57 -15.70 -8.37
C ARG B 191 1.14 -15.69 -7.84
N SER B 192 0.33 -16.62 -8.34
CA SER B 192 -1.08 -16.66 -8.02
C SER B 192 -1.31 -17.15 -6.59
N THR B 193 -2.51 -16.90 -6.08
CA THR B 193 -2.95 -17.37 -4.78
C THR B 193 -4.41 -17.80 -4.88
N PRO B 194 -4.73 -19.04 -4.51
CA PRO B 194 -6.12 -19.51 -4.65
C PRO B 194 -7.05 -18.98 -3.57
N GLU B 195 -7.88 -17.99 -3.93
CA GLU B 195 -8.90 -17.48 -3.04
C GLU B 195 -10.31 -17.70 -3.59
N GLY B 196 -10.46 -18.31 -4.75
CA GLY B 196 -11.75 -18.63 -5.33
C GLY B 196 -12.10 -17.88 -6.59
N ALA B 197 -11.20 -17.05 -7.11
CA ALA B 197 -11.48 -16.23 -8.29
C ALA B 197 -10.38 -16.43 -9.33
N ARG B 198 -10.55 -15.79 -10.48
CA ARG B 198 -9.56 -15.80 -11.53
C ARG B 198 -8.50 -14.73 -11.28
N ASP B 199 -7.31 -14.96 -11.79
CA ASP B 199 -6.17 -14.07 -11.57
C ASP B 199 -6.16 -12.93 -12.58
N PHE B 200 -5.65 -11.79 -12.13
CA PHE B 200 -5.28 -10.70 -13.04
C PHE B 200 -3.85 -10.94 -13.51
N LEU B 201 -3.66 -10.99 -14.82
CA LEU B 201 -2.38 -11.38 -15.39
C LEU B 201 -1.57 -10.16 -15.79
N VAL B 202 -0.24 -10.33 -15.80
CA VAL B 202 0.69 -9.29 -16.22
C VAL B 202 1.73 -9.93 -17.13
N PRO B 203 1.73 -9.62 -18.43
CA PRO B 203 2.73 -10.22 -19.32
C PRO B 203 4.14 -9.74 -18.99
N ALA B 204 5.09 -10.67 -19.02
CA ALA B 204 6.48 -10.39 -18.70
C ALA B 204 7.21 -9.99 -19.97
N ARG B 205 7.64 -8.73 -20.03
CA ARG B 205 8.38 -8.25 -21.20
C ARG B 205 9.71 -8.99 -21.35
N LEU B 206 10.42 -9.19 -20.25
CA LEU B 206 11.72 -9.86 -20.26
C LEU B 206 11.61 -11.37 -20.39
N HIS B 207 10.41 -11.92 -20.40
CA HIS B 207 10.20 -13.36 -20.54
C HIS B 207 8.94 -13.58 -21.34
N PRO B 208 9.06 -13.69 -22.67
CA PRO B 208 7.86 -13.90 -23.49
C PRO B 208 7.18 -15.22 -23.18
N GLY B 209 5.85 -15.22 -23.24
CA GLY B 209 5.06 -16.40 -22.93
C GLY B 209 4.74 -16.59 -21.46
N SER B 210 5.51 -15.98 -20.56
CA SER B 210 5.28 -16.08 -19.13
C SER B 210 4.53 -14.86 -18.62
N PHE B 211 3.80 -15.05 -17.53
CA PHE B 211 2.95 -14.00 -16.97
C PHE B 211 3.14 -13.93 -15.46
N TYR B 212 3.07 -12.72 -14.93
CA TYR B 212 2.91 -12.52 -13.50
C TYR B 212 1.43 -12.57 -13.14
N ALA B 213 1.14 -12.51 -11.85
CA ALA B 213 -0.24 -12.56 -11.37
C ALA B 213 -0.40 -11.61 -10.19
N LEU B 214 -1.42 -10.78 -10.26
CA LEU B 214 -1.76 -9.94 -9.12
C LEU B 214 -2.34 -10.81 -8.01
N PRO B 215 -1.98 -10.54 -6.74
CA PRO B 215 -2.40 -11.43 -5.66
C PRO B 215 -3.88 -11.26 -5.32
N GLN B 216 -4.59 -12.38 -5.21
CA GLN B 216 -5.93 -12.34 -4.66
C GLN B 216 -5.92 -12.02 -3.18
N SER B 217 -4.79 -12.25 -2.51
CA SER B 217 -4.57 -11.89 -1.12
C SER B 217 -3.10 -12.15 -0.80
N PRO B 218 -2.54 -11.48 0.21
CA PRO B 218 -1.18 -11.79 0.64
C PRO B 218 -1.13 -13.00 1.57
N GLN B 219 -1.93 -14.02 1.27
CA GLN B 219 -2.04 -15.18 2.15
C GLN B 219 -0.73 -15.95 2.22
N LEU B 220 -0.14 -16.25 1.05
CA LEU B 220 1.08 -17.05 1.05
C LEU B 220 2.26 -16.30 1.64
N PHE B 221 2.37 -15.00 1.36
CA PHE B 221 3.51 -14.23 1.84
C PHE B 221 3.46 -14.05 3.35
N LYS B 222 2.28 -13.89 3.92
CA LYS B 222 2.18 -13.70 5.36
C LYS B 222 2.39 -14.99 6.13
N GLN B 223 2.19 -16.15 5.49
CA GLN B 223 2.56 -17.41 6.12
C GLN B 223 4.07 -17.62 6.07
N LEU B 224 4.74 -17.14 5.02
CA LEU B 224 6.19 -17.20 4.96
C LEU B 224 6.82 -16.24 5.97
N LEU B 225 6.16 -15.10 6.24
CA LEU B 225 6.66 -14.19 7.25
C LEU B 225 6.61 -14.81 8.64
N MET B 226 5.61 -15.66 8.91
CA MET B 226 5.58 -16.39 10.17
C MET B 226 6.72 -17.40 10.24
N VAL B 227 7.02 -18.05 9.11
CA VAL B 227 8.20 -18.91 9.04
C VAL B 227 9.47 -18.09 9.24
N ALA B 228 9.46 -16.84 8.78
CA ALA B 228 10.63 -15.97 8.91
C ALA B 228 10.84 -15.46 10.33
N GLY B 229 9.88 -15.67 11.22
CA GLY B 229 10.01 -15.22 12.59
C GLY B 229 9.50 -13.82 12.87
N MET B 230 8.65 -13.27 12.02
CA MET B 230 8.09 -11.94 12.27
C MET B 230 7.03 -11.97 13.35
N GLU B 231 6.50 -13.15 13.68
CA GLU B 231 5.61 -13.36 14.83
C GLU B 231 4.30 -12.60 14.70
N ARG B 232 4.35 -11.27 14.56
CA ARG B 232 3.15 -10.43 14.52
C ARG B 232 3.22 -9.51 13.31
N TYR B 233 2.44 -9.84 12.28
CA TYR B 233 2.43 -9.12 11.02
C TYR B 233 1.07 -8.47 10.78
N TYR B 234 1.08 -7.33 10.10
CA TYR B 234 -0.15 -6.74 9.61
C TYR B 234 0.17 -5.94 8.34
N GLN B 235 -0.87 -5.74 7.53
CA GLN B 235 -0.72 -4.99 6.28
C GLN B 235 -2.10 -4.58 5.78
N ILE B 236 -2.20 -3.33 5.35
CA ILE B 236 -3.39 -2.83 4.66
C ILE B 236 -3.08 -2.99 3.18
N ALA B 237 -3.40 -4.16 2.63
CA ALA B 237 -2.95 -4.56 1.31
C ALA B 237 -4.05 -4.37 0.27
N ARG B 238 -3.63 -4.29 -0.98
CA ARG B 238 -4.53 -4.23 -2.12
C ARG B 238 -4.66 -5.64 -2.71
N CYS B 239 -5.88 -6.14 -2.75
CA CYS B 239 -6.14 -7.47 -3.28
C CYS B 239 -6.83 -7.36 -4.64
N TYR B 240 -6.59 -8.37 -5.49
CA TYR B 240 -7.02 -8.34 -6.88
C TYR B 240 -7.67 -9.67 -7.23
N ARG B 241 -8.98 -9.69 -7.37
CA ARG B 241 -9.74 -10.89 -7.72
C ARG B 241 -10.67 -10.54 -8.87
N ASP B 242 -10.57 -11.31 -9.96
CA ASP B 242 -11.42 -11.12 -11.13
C ASP B 242 -12.75 -11.84 -10.94
N GLU B 243 -13.48 -11.42 -9.91
CA GLU B 243 -14.79 -11.97 -9.62
C GLU B 243 -15.85 -11.33 -10.50
N ASP B 244 -16.96 -12.04 -10.67
CA ASP B 244 -18.17 -11.42 -11.18
C ASP B 244 -18.65 -10.37 -10.18
N PHE B 245 -19.57 -9.52 -10.64
CA PHE B 245 -20.09 -8.43 -9.82
C PHE B 245 -20.48 -8.92 -8.42
N ARG B 246 -19.60 -8.69 -7.46
CA ARG B 246 -19.72 -9.30 -6.13
C ARG B 246 -20.54 -8.41 -5.20
N ALA B 247 -20.64 -8.84 -3.94
CA ALA B 247 -21.51 -8.18 -2.97
C ALA B 247 -20.92 -6.85 -2.49
N ASP B 248 -19.75 -6.89 -1.85
CA ASP B 248 -19.21 -5.72 -1.17
C ASP B 248 -17.72 -5.53 -1.50
N ARG B 249 -17.34 -5.75 -2.75
CA ARG B 249 -15.98 -5.45 -3.17
C ARG B 249 -15.93 -5.36 -4.70
N GLN B 250 -14.98 -4.58 -5.18
CA GLN B 250 -14.68 -4.44 -6.59
C GLN B 250 -13.56 -5.38 -7.00
N PRO B 251 -13.28 -5.52 -8.29
CA PRO B 251 -12.12 -6.33 -8.70
C PRO B 251 -10.83 -5.96 -7.99
N GLU B 252 -10.62 -4.68 -7.68
CA GLU B 252 -9.49 -4.23 -6.86
C GLU B 252 -10.06 -3.70 -5.55
N PHE B 253 -9.71 -4.37 -4.44
CA PHE B 253 -10.21 -3.99 -3.13
C PHE B 253 -9.09 -4.07 -2.11
N THR B 254 -9.38 -3.57 -0.90
CA THR B 254 -8.41 -3.42 0.15
C THR B 254 -8.79 -4.26 1.36
N GLN B 255 -7.80 -4.90 1.96
CA GLN B 255 -7.99 -5.71 3.17
C GLN B 255 -7.11 -5.20 4.29
N LEU B 256 -7.53 -5.46 5.53
CA LEU B 256 -6.66 -5.36 6.69
C LEU B 256 -6.20 -6.79 6.98
N ASP B 257 -4.98 -7.11 6.54
CA ASP B 257 -4.44 -8.46 6.62
C ASP B 257 -3.59 -8.60 7.87
N MET B 258 -3.87 -9.64 8.66
CA MET B 258 -3.17 -9.92 9.90
C MET B 258 -2.77 -11.39 9.95
N GLU B 259 -1.71 -11.67 10.70
CA GLU B 259 -1.21 -13.02 10.86
C GLU B 259 -0.28 -13.07 12.06
N MET B 260 -0.54 -14.01 12.97
CA MET B 260 0.26 -14.22 14.17
C MET B 260 0.81 -15.64 14.17
N SER B 261 1.64 -15.94 15.17
CA SER B 261 2.23 -17.26 15.32
C SER B 261 2.21 -17.64 16.80
N PHE B 262 2.33 -18.95 17.05
CA PHE B 262 2.25 -19.51 18.40
C PHE B 262 0.92 -19.16 19.06
N VAL B 263 -0.15 -19.14 18.27
CA VAL B 263 -1.47 -18.75 18.74
C VAL B 263 -2.51 -19.71 18.18
N ASP B 264 -3.61 -19.85 18.92
CA ASP B 264 -4.77 -20.58 18.43
C ASP B 264 -5.83 -19.58 17.99
N ALA B 265 -7.02 -20.08 17.64
CA ALA B 265 -8.10 -19.19 17.20
C ALA B 265 -8.57 -18.26 18.30
N GLU B 266 -8.33 -18.61 19.57
CA GLU B 266 -8.77 -17.76 20.67
C GLU B 266 -7.95 -16.47 20.73
N ASP B 267 -6.66 -16.55 20.41
CA ASP B 267 -5.82 -15.36 20.42
C ASP B 267 -6.13 -14.45 19.24
N ILE B 268 -6.47 -15.03 18.09
CA ILE B 268 -6.76 -14.24 16.91
C ILE B 268 -8.07 -13.48 17.07
N ILE B 269 -9.09 -14.16 17.59
CA ILE B 269 -10.39 -13.52 17.79
C ILE B 269 -10.29 -12.40 18.81
N ALA B 270 -9.39 -12.53 19.79
CA ALA B 270 -9.23 -11.50 20.82
C ALA B 270 -8.69 -10.21 20.22
N ILE B 271 -7.60 -10.30 19.46
CA ILE B 271 -6.99 -9.09 18.89
C ILE B 271 -7.88 -8.51 17.80
N SER B 272 -8.69 -9.35 17.13
CA SER B 272 -9.61 -8.85 16.12
C SER B 272 -10.71 -8.01 16.75
N GLU B 273 -11.24 -8.43 17.89
CA GLU B 273 -12.26 -7.64 18.58
C GLU B 273 -11.68 -6.34 19.11
N GLU B 274 -10.40 -6.32 19.46
CA GLU B 274 -9.77 -5.09 19.93
C GLU B 274 -9.65 -4.08 18.79
N VAL B 275 -9.38 -4.55 17.58
CA VAL B 275 -9.36 -3.65 16.42
C VAL B 275 -10.76 -3.12 16.13
N LEU B 276 -11.76 -4.01 16.16
CA LEU B 276 -13.13 -3.57 15.91
C LEU B 276 -13.63 -2.61 16.98
N THR B 277 -13.13 -2.76 18.22
CA THR B 277 -13.48 -1.82 19.28
C THR B 277 -13.00 -0.41 18.95
N GLU B 278 -11.78 -0.30 18.43
CA GLU B 278 -11.23 1.02 18.10
C GLU B 278 -11.96 1.64 16.91
N LEU B 279 -12.36 0.82 15.94
CA LEU B 279 -13.01 1.36 14.75
C LEU B 279 -14.35 1.99 15.09
N TRP B 280 -15.21 1.25 15.80
CA TRP B 280 -16.51 1.80 16.18
C TRP B 280 -16.42 2.85 17.27
N ALA B 281 -15.26 2.98 17.94
CA ALA B 281 -15.05 4.08 18.86
C ALA B 281 -14.91 5.42 18.14
N LEU B 282 -14.61 5.39 16.83
CA LEU B 282 -14.53 6.62 16.06
C LEU B 282 -15.90 7.28 15.92
N ILE B 283 -16.98 6.50 15.94
CA ILE B 283 -18.33 7.04 15.88
C ILE B 283 -18.99 7.04 17.25
N GLY B 284 -18.20 6.98 18.33
CA GLY B 284 -18.73 7.08 19.67
C GLY B 284 -19.54 5.89 20.14
N TYR B 285 -19.42 4.74 19.48
CA TYR B 285 -20.18 3.55 19.82
C TYR B 285 -19.22 2.53 20.43
N ARG B 286 -19.31 2.35 21.75
CA ARG B 286 -18.53 1.31 22.44
C ARG B 286 -19.17 -0.04 22.19
N ILE B 287 -18.41 -0.95 21.58
CA ILE B 287 -18.91 -2.27 21.22
C ILE B 287 -18.91 -3.16 22.46
N PRO B 288 -19.84 -4.11 22.58
CA PRO B 288 -19.83 -5.01 23.73
C PRO B 288 -18.63 -5.94 23.71
N THR B 289 -17.80 -5.84 24.74
CA THR B 289 -16.65 -6.72 24.90
C THR B 289 -17.12 -8.18 24.94
N PRO B 290 -16.21 -9.16 24.70
CA PRO B 290 -16.62 -10.44 24.11
C PRO B 290 -17.88 -10.43 23.25
N ILE B 291 -17.68 -10.35 21.94
CA ILE B 291 -18.80 -10.48 20.99
C ILE B 291 -19.26 -11.93 20.98
N PRO B 292 -20.56 -12.19 20.83
CA PRO B 292 -21.06 -13.57 20.89
C PRO B 292 -20.54 -14.42 19.74
N ARG B 293 -20.64 -15.73 19.92
CA ARG B 293 -20.19 -16.71 18.94
C ARG B 293 -21.26 -17.76 18.73
N ILE B 294 -21.43 -18.18 17.47
CA ILE B 294 -22.41 -19.20 17.11
C ILE B 294 -21.77 -20.13 16.09
N GLY B 295 -22.09 -21.42 16.20
CA GLY B 295 -21.55 -22.39 15.28
C GLY B 295 -22.13 -22.26 13.89
N TYR B 296 -21.38 -22.77 12.91
CA TYR B 296 -21.81 -22.70 11.52
C TYR B 296 -23.11 -23.48 11.30
N ALA B 297 -23.10 -24.77 11.63
CA ALA B 297 -24.29 -25.59 11.47
C ALA B 297 -25.43 -25.08 12.36
N GLU B 298 -25.09 -24.54 13.53
CA GLU B 298 -26.10 -23.91 14.38
C GLU B 298 -26.70 -22.67 13.71
N ALA B 299 -25.88 -21.92 12.97
CA ALA B 299 -26.39 -20.74 12.28
C ALA B 299 -27.18 -21.10 11.02
N MET B 300 -26.85 -22.22 10.38
CA MET B 300 -27.58 -22.63 9.18
C MET B 300 -28.98 -23.10 9.53
N ARG B 301 -29.13 -23.82 10.64
CA ARG B 301 -30.43 -24.35 11.02
C ARG B 301 -31.34 -23.24 11.54
N ARG B 302 -30.79 -22.29 12.29
CA ARG B 302 -31.59 -21.25 12.93
C ARG B 302 -31.82 -20.03 12.05
N PHE B 303 -30.90 -19.73 11.14
CA PHE B 303 -31.01 -18.53 10.31
C PHE B 303 -30.90 -18.77 8.82
N GLY B 304 -30.44 -19.94 8.38
CA GLY B 304 -30.36 -20.22 6.96
C GLY B 304 -29.25 -19.54 6.20
N THR B 305 -28.21 -19.09 6.90
CA THR B 305 -27.09 -18.41 6.24
C THR B 305 -25.88 -18.44 7.16
N ASP B 306 -24.71 -18.32 6.55
CA ASP B 306 -23.48 -18.24 7.32
C ASP B 306 -23.24 -16.85 7.89
N LYS B 307 -23.77 -15.82 7.25
CA LYS B 307 -23.68 -14.43 7.72
C LYS B 307 -25.06 -14.00 8.18
N PRO B 308 -25.40 -14.17 9.46
CA PRO B 308 -26.76 -13.87 9.91
C PRO B 308 -26.92 -12.46 10.47
N ASP B 309 -28.07 -11.86 10.17
CA ASP B 309 -28.45 -10.59 10.75
C ASP B 309 -29.10 -10.85 12.12
N LEU B 310 -28.54 -10.25 13.17
CA LEU B 310 -29.05 -10.45 14.52
C LEU B 310 -29.65 -9.17 15.11
N ARG B 311 -30.05 -8.23 14.25
CA ARG B 311 -30.73 -7.02 14.70
C ARG B 311 -32.20 -7.26 15.01
N PHE B 312 -32.65 -8.50 14.95
CA PHE B 312 -34.05 -8.83 15.17
C PHE B 312 -34.16 -10.33 15.42
N GLY B 313 -35.35 -10.76 15.83
CA GLY B 313 -35.60 -12.16 16.10
C GLY B 313 -36.21 -12.90 14.92
N LEU B 314 -37.40 -13.47 15.14
CA LEU B 314 -38.12 -14.23 14.11
C LEU B 314 -37.24 -15.34 13.53
N GLU B 315 -36.69 -16.16 14.42
CA GLU B 315 -35.78 -17.22 14.00
C GLU B 315 -36.54 -18.32 13.26
N LEU B 316 -35.79 -19.15 12.55
CA LEU B 316 -36.36 -20.28 11.84
C LEU B 316 -36.70 -21.40 12.81
N VAL B 317 -37.83 -22.06 12.56
CA VAL B 317 -38.30 -23.17 13.38
C VAL B 317 -38.36 -24.41 12.49
N GLU B 318 -37.71 -25.48 12.92
CA GLU B 318 -37.69 -26.72 12.16
C GLU B 318 -38.92 -27.55 12.48
N CYS B 319 -39.73 -27.84 11.47
CA CYS B 319 -40.93 -28.65 11.63
C CYS B 319 -40.82 -29.98 10.89
N THR B 320 -39.62 -30.54 10.83
CA THR B 320 -39.41 -31.79 10.11
C THR B 320 -40.11 -32.96 10.80
N ASP B 321 -40.10 -32.97 12.14
CA ASP B 321 -40.67 -34.09 12.87
C ASP B 321 -42.19 -33.98 13.00
N PHE B 322 -42.73 -32.76 13.04
CA PHE B 322 -44.17 -32.59 13.19
C PHE B 322 -44.91 -33.13 11.97
N PHE B 323 -44.43 -32.81 10.76
CA PHE B 323 -45.05 -33.25 9.53
C PHE B 323 -44.53 -34.60 9.06
N SER B 324 -44.05 -35.45 9.97
CA SER B 324 -43.55 -36.75 9.59
C SER B 324 -44.65 -37.72 9.16
N ASP B 325 -45.88 -37.50 9.62
CA ASP B 325 -47.00 -38.37 9.31
C ASP B 325 -48.03 -37.72 8.40
N THR B 326 -47.85 -36.45 8.04
CA THR B 326 -48.83 -35.77 7.22
C THR B 326 -48.88 -36.37 5.82
N THR B 327 -50.10 -36.56 5.32
CA THR B 327 -50.33 -37.13 3.99
C THR B 327 -50.11 -36.12 2.87
N PHE B 328 -49.64 -34.92 3.18
CA PHE B 328 -49.36 -33.91 2.17
C PHE B 328 -47.95 -34.11 1.62
N ARG B 329 -47.83 -34.08 0.29
CA ARG B 329 -46.54 -34.27 -0.35
C ARG B 329 -45.60 -33.10 -0.13
N VAL B 330 -46.13 -31.91 0.17
CA VAL B 330 -45.29 -30.74 0.38
C VAL B 330 -44.52 -30.87 1.68
N PHE B 331 -45.24 -30.95 2.81
CA PHE B 331 -44.61 -31.05 4.12
C PHE B 331 -43.93 -32.38 4.37
N GLN B 332 -43.96 -33.31 3.41
CA GLN B 332 -43.24 -34.58 3.51
C GLN B 332 -41.97 -34.43 2.68
N ALA B 333 -40.92 -33.93 3.32
CA ALA B 333 -39.67 -33.61 2.65
C ALA B 333 -38.52 -33.86 3.62
N PRO B 334 -37.28 -33.94 3.12
CA PRO B 334 -36.14 -34.07 4.04
C PRO B 334 -36.00 -32.91 5.01
N TYR B 335 -36.65 -31.77 4.74
CA TYR B 335 -36.59 -30.64 5.65
C TYR B 335 -37.85 -29.79 5.47
N VAL B 336 -38.40 -29.32 6.59
CA VAL B 336 -39.55 -28.42 6.59
C VAL B 336 -39.30 -27.37 7.67
N GLY B 337 -39.02 -26.13 7.25
CA GLY B 337 -38.79 -25.04 8.15
C GLY B 337 -39.87 -23.97 8.03
N ALA B 338 -39.89 -23.06 9.01
CA ALA B 338 -40.90 -22.01 9.03
C ALA B 338 -40.39 -20.84 9.85
N VAL B 339 -40.99 -19.67 9.60
CA VAL B 339 -40.72 -18.45 10.33
C VAL B 339 -42.04 -17.71 10.51
N VAL B 340 -42.38 -17.42 11.77
CA VAL B 340 -43.68 -16.80 12.08
C VAL B 340 -43.57 -15.29 11.90
N MET B 341 -44.54 -14.71 11.19
CA MET B 341 -44.58 -13.27 10.97
C MET B 341 -45.60 -12.65 11.90
N PRO B 342 -45.20 -11.82 12.86
CA PRO B 342 -46.18 -11.23 13.79
C PRO B 342 -47.07 -10.22 13.08
N GLY B 343 -48.37 -10.35 13.27
CA GLY B 343 -49.32 -9.46 12.62
C GLY B 343 -49.45 -9.65 11.12
N GLY B 344 -48.83 -10.68 10.56
CA GLY B 344 -48.88 -10.93 9.14
C GLY B 344 -50.12 -11.62 8.63
N ALA B 345 -51.03 -12.01 9.52
CA ALA B 345 -52.27 -12.64 9.07
C ALA B 345 -53.19 -11.64 8.40
N SER B 346 -53.19 -10.38 8.85
CA SER B 346 -54.00 -9.33 8.26
C SER B 346 -53.16 -8.64 7.18
N GLN B 347 -53.28 -9.15 5.95
CA GLN B 347 -52.51 -8.63 4.83
C GLN B 347 -53.25 -8.97 3.54
N PRO B 348 -53.14 -8.14 2.51
CA PRO B 348 -53.81 -8.44 1.24
C PRO B 348 -53.17 -9.63 0.53
N ARG B 349 -53.96 -10.24 -0.34
CA ARG B 349 -53.50 -11.40 -1.10
C ARG B 349 -52.42 -11.02 -2.11
N LEU B 367 -42.92 -21.39 -1.92
CA LEU B 367 -43.31 -20.40 -0.94
C LEU B 367 -44.77 -20.57 -0.52
N ALA B 368 -45.00 -21.50 0.41
CA ALA B 368 -46.33 -21.78 0.93
C ALA B 368 -46.54 -21.03 2.25
N TYR B 369 -47.81 -20.82 2.60
CA TYR B 369 -48.17 -20.07 3.79
C TYR B 369 -49.40 -20.67 4.43
N VAL B 370 -49.69 -20.21 5.65
CA VAL B 370 -50.87 -20.63 6.40
C VAL B 370 -51.17 -19.58 7.47
N LEU B 371 -52.33 -18.92 7.34
CA LEU B 371 -52.69 -17.84 8.24
C LEU B 371 -53.27 -18.39 9.54
N VAL B 372 -53.64 -17.49 10.44
CA VAL B 372 -54.19 -17.85 11.74
C VAL B 372 -55.26 -16.83 12.10
N ALA B 373 -56.49 -17.29 12.29
CA ALA B 373 -57.58 -16.41 12.67
C ALA B 373 -57.45 -16.01 14.14
N GLU B 374 -58.32 -15.10 14.57
CA GLU B 374 -58.27 -14.60 15.94
C GLU B 374 -58.62 -15.69 16.96
N ASP B 375 -59.49 -16.63 16.57
CA ASP B 375 -59.87 -17.69 17.50
C ASP B 375 -58.72 -18.66 17.73
N GLY B 376 -57.99 -19.02 16.67
CA GLY B 376 -56.91 -19.98 16.77
C GLY B 376 -56.97 -21.02 15.68
N THR B 377 -58.09 -21.09 14.98
CA THR B 377 -58.22 -22.04 13.88
C THR B 377 -57.38 -21.59 12.69
N LEU B 378 -56.76 -22.56 12.03
CA LEU B 378 -55.87 -22.27 10.92
C LEU B 378 -56.69 -21.91 9.68
N GLY B 379 -56.01 -21.75 8.54
CA GLY B 379 -56.66 -21.39 7.30
C GLY B 379 -55.68 -21.13 6.17
N GLY B 380 -56.10 -21.39 4.95
CA GLY B 380 -55.26 -21.19 3.79
C GLY B 380 -55.18 -22.41 2.91
N PRO B 381 -54.28 -22.39 1.92
CA PRO B 381 -54.16 -23.54 1.02
C PRO B 381 -53.51 -24.76 1.69
N VAL B 382 -52.59 -24.54 2.64
CA VAL B 382 -51.93 -25.67 3.29
C VAL B 382 -52.75 -26.23 4.44
N ALA B 383 -53.65 -25.45 5.03
CA ALA B 383 -54.43 -25.93 6.16
C ALA B 383 -55.41 -27.03 5.76
N LYS B 384 -55.80 -27.11 4.49
CA LYS B 384 -56.72 -28.15 4.05
C LYS B 384 -56.04 -29.51 4.00
N ASN B 385 -54.74 -29.55 3.72
CA ASN B 385 -53.99 -30.80 3.59
C ASN B 385 -53.26 -31.15 4.88
N LEU B 386 -53.79 -30.75 6.02
CA LEU B 386 -53.18 -31.03 7.31
C LEU B 386 -54.05 -31.97 8.13
N THR B 387 -53.42 -32.77 8.97
CA THR B 387 -54.14 -33.68 9.84
C THR B 387 -54.84 -32.91 10.96
N GLU B 388 -55.80 -33.58 11.61
CA GLU B 388 -56.50 -32.96 12.73
C GLU B 388 -55.54 -32.57 13.84
N ALA B 389 -54.61 -33.47 14.19
CA ALA B 389 -53.57 -33.13 15.15
C ALA B 389 -52.53 -32.18 14.57
N GLU B 390 -52.39 -32.15 13.25
CA GLU B 390 -51.46 -31.21 12.61
C GLU B 390 -52.06 -29.81 12.47
N ARG B 391 -53.39 -29.69 12.51
CA ARG B 391 -54.04 -28.39 12.44
C ARG B 391 -54.23 -27.75 13.82
N THR B 392 -54.00 -28.51 14.91
CA THR B 392 -54.17 -27.99 16.26
C THR B 392 -52.85 -27.53 16.85
N GLY B 393 -51.84 -28.41 16.88
CA GLY B 393 -50.56 -28.07 17.47
C GLY B 393 -49.58 -27.44 16.51
N LEU B 394 -50.11 -26.85 15.43
CA LEU B 394 -49.24 -26.20 14.45
C LEU B 394 -48.73 -24.86 14.96
N ALA B 395 -49.63 -23.99 15.39
CA ALA B 395 -49.23 -22.68 15.89
C ALA B 395 -48.48 -22.77 17.21
N ASP B 396 -48.76 -23.81 18.01
CA ASP B 396 -48.04 -24.00 19.27
C ASP B 396 -46.60 -24.41 19.07
N HIS B 397 -46.21 -24.80 17.86
CA HIS B 397 -44.85 -25.25 17.58
C HIS B 397 -44.01 -24.16 16.92
N VAL B 398 -44.57 -23.45 15.94
CA VAL B 398 -43.83 -22.41 15.22
C VAL B 398 -43.88 -21.10 16.01
N GLY B 399 -44.46 -21.15 17.21
CA GLY B 399 -44.58 -19.96 18.02
C GLY B 399 -45.49 -18.90 17.46
N ALA B 400 -46.40 -19.27 16.54
CA ALA B 400 -47.29 -18.30 15.93
C ALA B 400 -48.44 -17.98 16.88
N LYS B 401 -48.55 -16.72 17.26
CA LYS B 401 -49.65 -16.26 18.10
C LYS B 401 -50.90 -16.02 17.25
N PRO B 402 -52.08 -15.94 17.88
CA PRO B 402 -53.29 -15.61 17.12
C PRO B 402 -53.14 -14.28 16.40
N GLY B 403 -53.24 -14.32 15.08
CA GLY B 403 -53.04 -13.15 14.25
C GLY B 403 -51.72 -13.11 13.51
N ASP B 404 -51.01 -14.22 13.40
CA ASP B 404 -49.73 -14.30 12.72
C ASP B 404 -49.85 -15.11 11.43
N CYS B 405 -48.76 -15.14 10.67
CA CYS B 405 -48.70 -15.87 9.42
C CYS B 405 -47.43 -16.71 9.39
N ILE B 406 -47.56 -17.98 9.03
CA ILE B 406 -46.46 -18.92 9.00
C ILE B 406 -46.07 -19.16 7.54
N PHE B 407 -44.77 -19.07 7.26
CA PHE B 407 -44.23 -19.30 5.92
C PHE B 407 -43.43 -20.60 5.93
N PHE B 408 -43.91 -21.60 5.20
CA PHE B 408 -43.28 -22.91 5.18
C PHE B 408 -42.25 -22.99 4.07
N SER B 409 -41.15 -23.70 4.35
CA SER B 409 -40.09 -23.95 3.37
C SER B 409 -39.74 -25.43 3.43
N ALA B 410 -40.04 -26.15 2.35
CA ALA B 410 -39.83 -27.60 2.30
C ALA B 410 -38.99 -27.96 1.08
N GLY B 411 -38.14 -28.96 1.23
CA GLY B 411 -37.28 -29.41 0.18
C GLY B 411 -35.93 -29.86 0.71
N PRO B 412 -34.89 -29.78 -0.13
CA PRO B 412 -33.54 -30.07 0.36
C PRO B 412 -33.16 -29.15 1.51
N VAL B 413 -32.30 -29.66 2.40
CA VAL B 413 -31.98 -28.94 3.63
C VAL B 413 -31.33 -27.60 3.31
N LYS B 414 -30.30 -27.61 2.47
CA LYS B 414 -29.62 -26.36 2.12
C LYS B 414 -30.51 -25.46 1.29
N SER B 415 -31.36 -26.03 0.44
CA SER B 415 -32.22 -25.22 -0.43
C SER B 415 -33.35 -24.59 0.35
N SER B 416 -34.07 -25.38 1.15
CA SER B 416 -35.23 -24.86 1.88
C SER B 416 -34.79 -23.82 2.93
N ARG B 417 -33.60 -23.98 3.50
CA ARG B 417 -33.11 -23.00 4.45
C ARG B 417 -32.66 -21.71 3.76
N ALA B 418 -32.23 -21.81 2.50
CA ALA B 418 -31.82 -20.61 1.77
C ALA B 418 -33.00 -19.70 1.49
N LEU B 419 -34.13 -20.28 1.06
CA LEU B 419 -35.32 -19.48 0.83
C LEU B 419 -35.90 -18.96 2.14
N LEU B 420 -35.88 -19.80 3.18
CA LEU B 420 -36.40 -19.37 4.47
C LEU B 420 -35.47 -18.36 5.15
N GLY B 421 -34.16 -18.48 4.92
CA GLY B 421 -33.23 -17.53 5.49
C GLY B 421 -33.34 -16.15 4.88
N ALA B 422 -33.68 -16.08 3.59
CA ALA B 422 -33.86 -14.78 2.94
C ALA B 422 -35.21 -14.16 3.27
N ALA B 423 -36.25 -15.00 3.41
CA ALA B 423 -37.57 -14.50 3.77
C ALA B 423 -37.62 -14.00 5.20
N ARG B 424 -36.73 -14.46 6.07
CA ARG B 424 -36.71 -14.00 7.45
C ARG B 424 -36.36 -12.51 7.52
N VAL B 425 -35.32 -12.10 6.81
CA VAL B 425 -34.91 -10.69 6.83
C VAL B 425 -35.93 -9.84 6.09
N GLU B 426 -36.65 -10.41 5.13
CA GLU B 426 -37.66 -9.64 4.41
C GLU B 426 -38.85 -9.29 5.30
N ILE B 427 -39.20 -10.18 6.24
CA ILE B 427 -40.29 -9.87 7.16
C ILE B 427 -39.89 -8.78 8.13
N ALA B 428 -38.59 -8.68 8.44
CA ALA B 428 -38.12 -7.64 9.35
C ALA B 428 -38.09 -6.27 8.68
N ASN B 429 -37.67 -6.21 7.41
CA ASN B 429 -37.66 -4.93 6.70
C ASN B 429 -39.07 -4.49 6.37
N ARG B 430 -39.97 -5.44 6.07
CA ARG B 430 -41.36 -5.08 5.78
C ARG B 430 -42.07 -4.61 7.03
N LEU B 431 -42.03 -5.40 8.10
CA LEU B 431 -42.66 -5.01 9.36
C LEU B 431 -41.87 -3.94 10.11
N GLY B 432 -40.75 -3.49 9.59
CA GLY B 432 -39.98 -2.43 10.23
C GLY B 432 -39.33 -2.84 11.54
N LEU B 433 -38.87 -4.08 11.64
CA LEU B 433 -38.22 -4.58 12.84
C LEU B 433 -36.71 -4.38 12.82
N ILE B 434 -36.16 -3.83 11.74
CA ILE B 434 -34.73 -3.59 11.63
C ILE B 434 -34.47 -2.15 12.06
N ASP B 435 -33.90 -1.99 13.24
CA ASP B 435 -33.51 -0.66 13.70
C ASP B 435 -32.25 -0.22 12.95
N PRO B 436 -32.31 0.85 12.16
CA PRO B 436 -31.13 1.25 11.36
C PRO B 436 -29.96 1.75 12.20
N ASP B 437 -30.16 2.03 13.48
CA ASP B 437 -29.09 2.48 14.36
C ASP B 437 -28.45 1.35 15.15
N ALA B 438 -28.97 0.14 15.04
CA ALA B 438 -28.47 -0.99 15.81
C ALA B 438 -27.26 -1.63 15.12
N TRP B 439 -26.45 -2.31 15.91
CA TRP B 439 -25.28 -3.04 15.43
C TRP B 439 -25.21 -4.38 16.15
N ALA B 440 -25.35 -5.46 15.39
CA ALA B 440 -25.34 -6.82 15.93
C ALA B 440 -24.13 -7.55 15.38
N PHE B 441 -23.12 -7.77 16.25
CA PHE B 441 -21.91 -8.49 15.89
C PHE B 441 -22.00 -9.93 16.37
N VAL B 442 -21.47 -10.84 15.58
CA VAL B 442 -21.52 -12.26 15.89
C VAL B 442 -20.39 -12.96 15.18
N TRP B 443 -19.78 -13.93 15.85
CA TRP B 443 -18.75 -14.77 15.28
C TRP B 443 -19.35 -16.06 14.76
N VAL B 444 -18.83 -16.54 13.62
CA VAL B 444 -19.16 -17.86 13.09
C VAL B 444 -17.93 -18.74 13.24
N VAL B 445 -18.09 -19.86 13.95
CA VAL B 445 -16.97 -20.74 14.27
C VAL B 445 -17.30 -22.15 13.84
N ASP B 446 -16.25 -22.98 13.79
CA ASP B 446 -16.34 -24.37 13.38
C ASP B 446 -17.11 -24.58 12.07
N PRO B 447 -16.64 -23.99 10.97
CA PRO B 447 -17.26 -24.26 9.68
C PRO B 447 -16.66 -25.50 9.05
N PRO B 448 -17.26 -26.05 8.00
CA PRO B 448 -16.63 -27.15 7.28
C PRO B 448 -15.30 -26.74 6.69
N LEU B 449 -14.49 -27.74 6.32
CA LEU B 449 -13.23 -27.49 5.66
C LEU B 449 -13.32 -27.58 4.15
N PHE B 450 -14.22 -28.40 3.62
CA PHE B 450 -14.36 -28.59 2.19
C PHE B 450 -15.81 -28.40 1.78
N GLU B 451 -16.00 -28.12 0.49
CA GLU B 451 -17.31 -27.94 -0.11
C GLU B 451 -17.31 -28.66 -1.45
N PRO B 452 -18.47 -29.14 -1.90
CA PRO B 452 -18.53 -29.80 -3.22
C PRO B 452 -18.11 -28.85 -4.33
N ALA B 453 -17.27 -29.36 -5.24
CA ALA B 453 -16.85 -28.56 -6.38
C ALA B 453 -18.02 -28.16 -7.27
N ASP B 454 -19.14 -28.87 -7.19
CA ASP B 454 -20.33 -28.47 -7.92
C ASP B 454 -20.93 -27.20 -7.33
N GLU B 455 -21.29 -27.24 -6.04
CA GLU B 455 -21.89 -26.09 -5.38
C GLU B 455 -20.95 -24.89 -5.31
N ALA B 456 -19.66 -25.08 -5.59
CA ALA B 456 -18.71 -23.97 -5.62
C ALA B 456 -18.56 -23.40 -7.02
N THR B 457 -18.44 -24.27 -8.03
CA THR B 457 -18.32 -23.78 -9.40
C THR B 457 -19.66 -23.30 -9.94
N ALA B 458 -20.77 -23.82 -9.41
CA ALA B 458 -22.08 -23.35 -9.84
C ALA B 458 -22.41 -21.97 -9.28
N ALA B 459 -21.70 -21.53 -8.24
CA ALA B 459 -21.89 -20.21 -7.65
C ALA B 459 -20.91 -19.18 -8.19
N GLY B 460 -20.26 -19.49 -9.31
CA GLY B 460 -19.32 -18.54 -9.91
C GLY B 460 -18.01 -18.41 -9.17
N GLU B 461 -17.44 -19.52 -8.70
CA GLU B 461 -16.18 -19.52 -8.00
C GLU B 461 -15.23 -20.54 -8.62
N VAL B 462 -13.94 -20.29 -8.47
CA VAL B 462 -12.91 -21.18 -9.01
C VAL B 462 -12.54 -22.21 -7.97
N ALA B 463 -12.20 -23.41 -8.44
CA ALA B 463 -11.79 -24.51 -7.58
C ALA B 463 -10.27 -24.64 -7.56
N VAL B 464 -9.76 -25.29 -6.52
CA VAL B 464 -8.32 -25.44 -6.36
C VAL B 464 -7.75 -26.48 -7.32
N GLY B 465 -8.52 -27.52 -7.63
CA GLY B 465 -8.04 -28.57 -8.52
C GLY B 465 -9.15 -29.31 -9.25
N SER B 466 -8.84 -30.50 -9.74
CA SER B 466 -9.77 -31.29 -10.52
C SER B 466 -10.56 -32.28 -9.67
N GLY B 467 -10.60 -32.10 -8.35
CA GLY B 467 -11.33 -32.99 -7.48
C GLY B 467 -12.77 -32.54 -7.26
N ALA B 468 -13.49 -33.36 -6.51
CA ALA B 468 -14.88 -33.09 -6.18
C ALA B 468 -15.02 -32.22 -4.93
N TRP B 469 -13.92 -31.68 -4.41
CA TRP B 469 -13.95 -30.87 -3.21
C TRP B 469 -13.05 -29.67 -3.37
N THR B 470 -13.53 -28.51 -2.92
CA THR B 470 -12.74 -27.30 -2.82
C THR B 470 -12.77 -26.82 -1.37
N ALA B 471 -11.94 -25.84 -1.07
CA ALA B 471 -11.93 -25.24 0.26
C ALA B 471 -13.04 -24.19 0.36
N VAL B 472 -13.74 -24.20 1.49
CA VAL B 472 -14.78 -23.20 1.71
C VAL B 472 -14.16 -21.82 1.91
N HIS B 473 -12.92 -21.77 2.40
CA HIS B 473 -12.19 -20.51 2.56
C HIS B 473 -11.00 -20.51 1.60
N HIS B 474 -9.88 -21.07 2.02
CA HIS B 474 -8.74 -21.30 1.16
C HIS B 474 -8.07 -22.60 1.53
N ALA B 475 -7.33 -23.16 0.57
CA ALA B 475 -6.79 -24.51 0.66
C ALA B 475 -5.72 -24.63 1.74
N PHE B 476 -5.43 -23.54 2.43
CA PHE B 476 -4.44 -23.55 3.50
C PHE B 476 -5.08 -23.48 4.88
N THR B 477 -6.40 -23.61 4.95
CA THR B 477 -7.11 -23.64 6.22
C THR B 477 -6.94 -25.01 6.86
N ALA B 478 -6.51 -25.03 8.13
CA ALA B 478 -6.27 -26.29 8.81
C ALA B 478 -7.55 -26.78 9.49
N PRO B 479 -7.72 -28.10 9.57
CA PRO B 479 -8.84 -28.64 10.34
C PRO B 479 -8.58 -28.58 11.83
N LYS B 480 -9.66 -28.64 12.60
CA LYS B 480 -9.53 -28.78 14.04
C LYS B 480 -8.77 -30.07 14.35
N PRO B 481 -7.94 -30.09 15.39
CA PRO B 481 -7.12 -31.28 15.66
C PRO B 481 -7.92 -32.55 15.90
N GLU B 482 -9.23 -32.45 16.12
CA GLU B 482 -10.07 -33.64 16.27
C GLU B 482 -10.43 -34.26 14.93
N TRP B 483 -10.43 -33.50 13.85
CA TRP B 483 -10.80 -33.99 12.54
C TRP B 483 -9.60 -34.22 11.61
N GLU B 484 -8.38 -34.04 12.12
CA GLU B 484 -7.20 -34.24 11.29
C GLU B 484 -6.98 -35.70 10.91
N ASP B 485 -7.68 -36.64 11.56
CA ASP B 485 -7.51 -38.05 11.24
C ASP B 485 -8.32 -38.47 10.02
N ARG B 486 -9.49 -37.87 9.81
CA ARG B 486 -10.44 -38.31 8.79
C ARG B 486 -10.57 -37.32 7.64
N ILE B 487 -9.45 -36.74 7.21
CA ILE B 487 -9.48 -35.86 6.05
C ILE B 487 -9.81 -36.65 4.79
N GLU B 488 -9.30 -37.87 4.68
CA GLU B 488 -9.53 -38.68 3.49
C GLU B 488 -10.88 -39.38 3.54
N SER B 489 -11.20 -40.02 4.66
CA SER B 489 -12.41 -40.83 4.76
C SER B 489 -13.67 -39.95 4.82
N ASP B 490 -14.03 -39.45 6.00
CA ASP B 490 -15.20 -38.58 6.14
C ASP B 490 -14.79 -37.16 5.73
N THR B 491 -14.81 -36.92 4.42
CA THR B 491 -14.36 -35.64 3.88
C THR B 491 -15.35 -34.52 4.19
N GLY B 492 -16.58 -34.64 3.70
CA GLY B 492 -17.58 -33.61 3.83
C GLY B 492 -18.01 -33.28 5.26
N SER B 493 -17.53 -34.02 6.26
CA SER B 493 -17.87 -33.76 7.64
C SER B 493 -16.73 -33.16 8.45
N VAL B 494 -15.62 -32.84 7.80
CA VAL B 494 -14.46 -32.27 8.50
C VAL B 494 -14.75 -30.81 8.83
N LEU B 495 -14.53 -30.44 10.09
CA LEU B 495 -14.71 -29.07 10.55
C LEU B 495 -13.38 -28.35 10.52
N ALA B 496 -13.38 -27.14 9.98
CA ALA B 496 -12.16 -26.36 9.84
C ALA B 496 -11.96 -25.45 11.04
N ASP B 497 -10.68 -25.14 11.32
CA ASP B 497 -10.32 -24.23 12.39
C ASP B 497 -10.43 -22.79 11.92
N ALA B 498 -11.51 -22.45 11.24
CA ALA B 498 -11.71 -21.15 10.63
C ALA B 498 -12.73 -20.34 11.44
N TYR B 499 -12.96 -19.10 11.00
CA TYR B 499 -13.85 -18.18 11.69
C TYR B 499 -14.18 -17.02 10.76
N ASP B 500 -15.38 -16.46 10.95
CA ASP B 500 -15.83 -15.28 10.22
C ASP B 500 -16.57 -14.37 11.18
N ILE B 501 -16.35 -13.06 11.05
CA ILE B 501 -17.02 -12.06 11.86
C ILE B 501 -18.10 -11.40 11.00
N VAL B 502 -19.31 -11.27 11.56
CA VAL B 502 -20.47 -10.79 10.85
C VAL B 502 -20.99 -9.54 11.55
N CYS B 503 -21.30 -8.51 10.77
CA CYS B 503 -21.85 -7.26 11.29
C CYS B 503 -23.12 -6.93 10.52
N ASN B 504 -24.28 -7.11 11.17
CA ASN B 504 -25.59 -6.81 10.58
C ASN B 504 -25.79 -7.54 9.25
N GLY B 505 -25.50 -8.84 9.26
CA GLY B 505 -25.63 -9.67 8.08
C GLY B 505 -24.53 -9.50 7.06
N HIS B 506 -23.53 -8.66 7.33
CA HIS B 506 -22.40 -8.47 6.42
C HIS B 506 -21.17 -9.14 6.99
N GLU B 507 -20.53 -9.97 6.18
CA GLU B 507 -19.25 -10.57 6.55
C GLU B 507 -18.16 -9.51 6.35
N ILE B 508 -17.56 -9.06 7.44
CA ILE B 508 -16.55 -8.01 7.40
C ILE B 508 -15.16 -8.55 7.72
N GLY B 509 -14.99 -9.86 7.75
CA GLY B 509 -13.69 -10.43 8.06
C GLY B 509 -13.66 -11.94 8.10
N GLY B 510 -12.59 -12.54 7.60
CA GLY B 510 -12.46 -13.98 7.59
C GLY B 510 -11.02 -14.40 7.83
N GLY B 511 -10.87 -15.65 8.27
CA GLY B 511 -9.54 -16.17 8.55
C GLY B 511 -9.62 -17.60 9.04
N SER B 512 -8.47 -18.12 9.44
CA SER B 512 -8.36 -19.50 9.91
C SER B 512 -6.97 -19.72 10.47
N VAL B 513 -6.83 -20.83 11.19
CA VAL B 513 -5.50 -21.34 11.55
C VAL B 513 -4.99 -22.17 10.39
N ARG B 514 -3.70 -22.03 10.09
CA ARG B 514 -3.15 -22.57 8.86
C ARG B 514 -2.58 -23.97 9.07
N ILE B 515 -2.38 -24.67 7.96
CA ILE B 515 -1.58 -25.90 7.95
C ILE B 515 -0.12 -25.50 7.89
N HIS B 516 0.70 -26.09 8.78
CA HIS B 516 2.12 -25.80 8.80
C HIS B 516 2.98 -27.06 8.68
N ARG B 517 2.37 -28.21 8.43
CA ARG B 517 3.10 -29.44 8.17
C ARG B 517 3.00 -29.79 6.70
N ARG B 518 4.09 -30.32 6.14
CA ARG B 518 4.13 -30.58 4.70
C ARG B 518 3.17 -31.69 4.30
N ASP B 519 3.05 -32.73 5.13
CA ASP B 519 2.23 -33.88 4.76
C ASP B 519 0.75 -33.51 4.72
N ILE B 520 0.28 -32.74 5.69
CA ILE B 520 -1.14 -32.42 5.77
C ILE B 520 -1.56 -31.55 4.58
N GLN B 521 -0.74 -30.56 4.23
CA GLN B 521 -1.06 -29.73 3.07
C GLN B 521 -1.06 -30.54 1.78
N GLU B 522 -0.19 -31.54 1.68
CA GLU B 522 -0.17 -32.40 0.50
C GLU B 522 -1.42 -33.26 0.41
N ARG B 523 -1.88 -33.78 1.56
CA ARG B 523 -3.08 -34.60 1.57
C ARG B 523 -4.32 -33.78 1.21
N VAL B 524 -4.42 -32.56 1.75
CA VAL B 524 -5.55 -31.70 1.41
C VAL B 524 -5.53 -31.36 -0.06
N PHE B 525 -4.34 -31.12 -0.62
CA PHE B 525 -4.24 -30.86 -2.05
C PHE B 525 -4.67 -32.07 -2.87
N ALA B 526 -4.43 -33.28 -2.36
CA ALA B 526 -4.85 -34.48 -3.08
C ALA B 526 -6.36 -34.66 -3.03
N VAL B 527 -7.00 -34.25 -1.94
CA VAL B 527 -8.46 -34.33 -1.84
C VAL B 527 -9.12 -33.45 -2.89
N MET B 528 -8.51 -32.30 -3.19
CA MET B 528 -9.04 -31.36 -4.16
C MET B 528 -8.65 -31.68 -5.59
N GLY B 529 -8.06 -32.85 -5.83
CA GLY B 529 -7.74 -33.27 -7.18
C GLY B 529 -6.42 -32.77 -7.71
N LEU B 530 -5.58 -32.17 -6.88
CA LEU B 530 -4.26 -31.72 -7.29
C LEU B 530 -3.25 -32.78 -6.87
N ASP B 531 -2.67 -33.46 -7.86
CA ASP B 531 -1.70 -34.52 -7.58
C ASP B 531 -0.43 -33.93 -6.95
N LYS B 532 0.46 -34.83 -6.55
CA LYS B 532 1.70 -34.40 -5.92
C LYS B 532 2.54 -33.54 -6.86
N ALA B 533 2.57 -33.89 -8.15
CA ALA B 533 3.30 -33.09 -9.12
C ALA B 533 2.60 -31.77 -9.37
N GLU B 534 1.26 -31.73 -9.26
CA GLU B 534 0.54 -30.47 -9.45
C GLU B 534 0.79 -29.49 -8.31
N ALA B 535 1.08 -30.00 -7.12
CA ALA B 535 1.31 -29.14 -5.97
C ALA B 535 2.70 -28.51 -6.01
N GLU B 536 3.72 -29.30 -6.38
CA GLU B 536 5.08 -28.77 -6.40
C GLU B 536 5.27 -27.77 -7.52
N GLU B 537 4.60 -27.97 -8.66
CA GLU B 537 4.76 -27.05 -9.79
C GLU B 537 4.09 -25.71 -9.54
N LYS B 538 3.15 -25.63 -8.61
CA LYS B 538 2.44 -24.39 -8.32
C LYS B 538 2.59 -23.90 -6.89
N PHE B 539 2.90 -24.79 -5.94
CA PHE B 539 3.05 -24.37 -4.54
C PHE B 539 4.24 -25.05 -3.88
N GLY B 540 5.23 -25.48 -4.64
CA GLY B 540 6.37 -26.18 -4.06
C GLY B 540 7.19 -25.31 -3.13
N PHE B 541 7.19 -23.99 -3.36
CA PHE B 541 7.93 -23.09 -2.49
C PHE B 541 7.32 -23.04 -1.08
N LEU B 542 6.01 -23.17 -0.98
CA LEU B 542 5.37 -23.20 0.33
C LEU B 542 5.53 -24.56 1.00
N LEU B 543 5.42 -25.64 0.23
CA LEU B 543 5.65 -26.97 0.78
C LEU B 543 7.09 -27.14 1.24
N GLU B 544 8.04 -26.62 0.47
CA GLU B 544 9.44 -26.68 0.88
C GLU B 544 9.69 -25.81 2.11
N ALA B 545 8.97 -24.71 2.24
CA ALA B 545 9.15 -23.84 3.40
C ALA B 545 8.66 -24.47 4.70
N PHE B 546 7.76 -25.45 4.62
CA PHE B 546 7.25 -26.10 5.82
C PHE B 546 8.20 -27.14 6.38
N MET B 547 9.25 -27.50 5.65
CA MET B 547 10.25 -28.43 6.16
C MET B 547 11.42 -27.72 6.85
N PHE B 548 11.31 -26.40 7.05
CA PHE B 548 12.40 -25.65 7.66
C PHE B 548 11.94 -24.93 8.92
N GLY B 549 11.23 -25.64 9.80
CA GLY B 549 10.84 -25.11 11.08
C GLY B 549 9.70 -24.11 11.01
N ALA B 550 8.57 -24.53 10.44
CA ALA B 550 7.41 -23.66 10.34
C ALA B 550 6.65 -23.65 11.67
N PRO B 551 6.33 -22.47 12.21
CA PRO B 551 5.60 -22.42 13.48
C PRO B 551 4.10 -22.51 13.25
N PRO B 552 3.33 -22.89 14.27
CA PRO B 552 1.87 -22.82 14.15
C PRO B 552 1.42 -21.36 14.04
N HIS B 553 0.59 -21.08 13.04
CA HIS B 553 0.21 -19.70 12.76
C HIS B 553 -1.21 -19.65 12.23
N GLY B 554 -1.80 -18.46 12.32
CA GLY B 554 -3.13 -18.19 11.82
C GLY B 554 -3.29 -16.69 11.65
N GLY B 555 -4.44 -16.29 11.11
CA GLY B 555 -4.66 -14.89 10.87
C GLY B 555 -6.11 -14.55 10.59
N ILE B 556 -6.28 -13.37 9.99
CA ILE B 556 -7.61 -12.80 9.75
C ILE B 556 -7.44 -11.69 8.73
N ALA B 557 -8.50 -11.43 7.96
CA ALA B 557 -8.49 -10.36 6.97
C ALA B 557 -9.86 -9.70 6.94
N PHE B 558 -9.92 -8.41 7.25
CA PHE B 558 -11.16 -7.66 7.23
C PHE B 558 -11.37 -7.04 5.85
N GLY B 559 -12.58 -7.19 5.33
CA GLY B 559 -12.96 -6.46 4.12
C GLY B 559 -13.04 -4.97 4.42
N TRP B 560 -11.99 -4.23 4.04
CA TRP B 560 -11.86 -2.85 4.49
C TRP B 560 -12.82 -1.90 3.78
N ASP B 561 -13.25 -2.23 2.56
CA ASP B 561 -14.21 -1.37 1.88
C ASP B 561 -15.58 -1.42 2.56
N ARG B 562 -16.01 -2.61 2.96
CA ARG B 562 -17.30 -2.75 3.63
C ARG B 562 -17.24 -2.25 5.07
N THR B 563 -16.11 -2.50 5.76
CA THR B 563 -15.98 -2.08 7.15
C THR B 563 -16.11 -0.57 7.28
N THR B 564 -15.43 0.18 6.41
CA THR B 564 -15.54 1.63 6.44
C THR B 564 -16.91 2.10 5.98
N ALA B 565 -17.49 1.40 5.00
CA ALA B 565 -18.82 1.78 4.50
C ALA B 565 -19.86 1.68 5.60
N LEU B 566 -19.81 0.63 6.41
CA LEU B 566 -20.75 0.51 7.52
C LEU B 566 -20.54 1.63 8.53
N LEU B 567 -19.28 1.96 8.83
CA LEU B 567 -19.00 3.05 9.76
C LEU B 567 -19.47 4.39 9.20
N ALA B 568 -19.29 4.60 7.90
CA ALA B 568 -19.67 5.86 7.26
C ALA B 568 -21.17 5.97 7.01
N GLY B 569 -21.95 4.95 7.35
CA GLY B 569 -23.38 4.97 7.14
C GLY B 569 -23.83 4.63 5.74
N MET B 570 -22.92 4.50 4.79
CA MET B 570 -23.26 4.17 3.41
C MET B 570 -23.44 2.67 3.26
N ASP B 571 -24.40 2.28 2.41
CA ASP B 571 -24.57 0.88 2.05
C ASP B 571 -23.88 0.52 0.73
N SER B 572 -23.39 1.51 -0.01
CA SER B 572 -22.63 1.28 -1.23
C SER B 572 -21.16 1.47 -0.92
N ILE B 573 -20.35 0.42 -1.10
CA ILE B 573 -18.94 0.49 -0.77
C ILE B 573 -18.19 1.45 -1.68
N ARG B 574 -18.78 1.82 -2.84
CA ARG B 574 -18.14 2.80 -3.71
C ARG B 574 -18.15 4.19 -3.11
N GLU B 575 -18.97 4.44 -2.08
CA GLU B 575 -19.01 5.74 -1.44
C GLU B 575 -17.80 6.01 -0.55
N VAL B 576 -16.99 4.98 -0.25
CA VAL B 576 -15.79 5.15 0.57
C VAL B 576 -14.51 4.83 -0.20
N ILE B 577 -14.61 4.72 -1.52
CA ILE B 577 -13.44 4.60 -2.39
C ILE B 577 -13.30 5.89 -3.17
N ALA B 578 -12.09 6.44 -3.20
CA ALA B 578 -11.87 7.75 -3.82
C ALA B 578 -12.26 7.74 -5.29
N PHE B 579 -11.74 6.79 -6.05
CA PHE B 579 -12.00 6.68 -7.49
C PHE B 579 -12.44 5.26 -7.80
N PRO B 580 -13.71 4.94 -7.58
CA PRO B 580 -14.20 3.59 -7.83
C PRO B 580 -14.62 3.40 -9.28
N LYS B 581 -14.81 2.13 -9.64
CA LYS B 581 -15.32 1.76 -10.95
C LYS B 581 -16.82 1.45 -10.84
N THR B 582 -17.40 1.00 -11.96
CA THR B 582 -18.79 0.59 -11.98
C THR B 582 -18.87 -0.92 -11.91
N GLY B 583 -20.10 -1.45 -11.85
CA GLY B 583 -20.30 -2.88 -11.98
C GLY B 583 -19.92 -3.33 -13.37
N GLY B 584 -18.94 -4.21 -13.46
CA GLY B 584 -18.39 -4.64 -14.74
C GLY B 584 -17.02 -4.08 -15.06
N GLY B 585 -16.43 -3.29 -14.16
CA GLY B 585 -15.09 -2.79 -14.35
C GLY B 585 -14.97 -1.54 -15.20
N VAL B 586 -16.08 -0.91 -15.58
CA VAL B 586 -16.03 0.29 -16.40
C VAL B 586 -15.68 1.49 -15.52
N ASP B 587 -14.70 2.28 -15.96
CA ASP B 587 -14.26 3.46 -15.24
C ASP B 587 -14.61 4.71 -16.04
N PRO B 588 -15.71 5.39 -15.72
CA PRO B 588 -16.10 6.58 -16.50
C PRO B 588 -15.12 7.74 -16.39
N LEU B 589 -14.18 7.70 -15.45
CA LEU B 589 -13.23 8.79 -15.30
C LEU B 589 -12.07 8.65 -16.30
N THR B 590 -11.26 7.61 -16.12
CA THR B 590 -10.09 7.41 -16.97
C THR B 590 -10.41 6.66 -18.26
N ASP B 591 -11.64 6.18 -18.43
CA ASP B 591 -12.08 5.44 -19.61
C ASP B 591 -11.27 4.15 -19.81
N ALA B 592 -10.66 3.63 -18.75
CA ALA B 592 -9.98 2.34 -18.81
C ALA B 592 -11.00 1.21 -18.74
N PRO B 593 -10.73 0.07 -19.39
CA PRO B 593 -9.53 -0.24 -20.17
C PRO B 593 -9.55 0.32 -21.60
N ALA B 594 -8.39 0.31 -22.25
CA ALA B 594 -8.26 0.81 -23.61
C ALA B 594 -7.24 -0.04 -24.34
N PRO B 595 -7.42 -0.27 -25.63
CA PRO B 595 -6.43 -1.06 -26.39
C PRO B 595 -5.12 -0.30 -26.53
N ILE B 596 -4.09 -1.04 -26.97
CA ILE B 596 -2.75 -0.51 -27.12
C ILE B 596 -2.35 -0.55 -28.59
N THR B 597 -1.28 0.17 -28.91
CA THR B 597 -0.76 0.18 -30.26
C THR B 597 -0.04 -1.13 -30.58
N ALA B 598 0.12 -1.40 -31.87
CA ALA B 598 0.85 -2.60 -32.29
C ALA B 598 2.31 -2.55 -31.85
N GLN B 599 2.88 -1.34 -31.79
CA GLN B 599 4.23 -1.17 -31.27
C GLN B 599 4.31 -1.42 -29.76
N GLN B 600 3.17 -1.46 -29.07
CA GLN B 600 3.14 -1.78 -27.65
C GLN B 600 2.74 -3.22 -27.37
N ARG B 601 1.99 -3.85 -28.28
CA ARG B 601 1.63 -5.25 -28.13
C ARG B 601 2.80 -6.19 -28.44
N LYS B 602 3.87 -5.68 -29.05
CA LYS B 602 4.99 -6.50 -29.49
C LYS B 602 5.66 -7.27 -28.36
N GLU B 603 5.31 -7.01 -27.10
CA GLU B 603 5.92 -7.66 -25.95
C GLU B 603 5.05 -8.78 -25.39
N SER B 604 4.44 -9.57 -26.27
CA SER B 604 3.61 -10.70 -25.84
C SER B 604 3.44 -11.70 -26.98
N ASP C . 5.32 11.52 -9.89
CA ASP C . 6.71 11.81 -9.61
C ASP C . 7.53 10.52 -9.63
O ASP C . 6.95 9.40 -9.65
CB ASP C . 6.86 12.51 -8.25
CG ASP C . 6.19 13.88 -8.29
OD1 ASP C . 6.32 14.63 -9.30
OD2 ASP C . 5.50 14.27 -7.32
OXT ASP C . 8.80 10.56 -9.60
N LYS D . 0.74 -14.45 24.44
CA LYS D . 1.87 -14.22 23.57
C LYS D . 1.65 -14.94 22.23
O LYS D . 2.24 -14.54 21.20
CB LYS D . 3.15 -14.73 24.22
CG LYS D . 3.46 -13.90 25.47
CD LYS D . 3.92 -12.50 25.06
CE LYS D . 5.19 -12.62 24.21
NZ LYS D . 5.58 -11.30 23.76
OXT LYS D . 0.87 -15.93 22.16
N LYS E . -6.28 20.25 5.66
CA LYS E . -7.42 21.14 5.68
C LYS E . -6.96 22.60 5.63
O LYS E . -5.76 22.89 5.87
CB LYS E . -8.27 20.89 6.92
CG LYS E . -8.56 19.40 7.05
CD LYS E . -9.59 19.17 8.15
CE LYS E . -10.93 19.74 7.72
NZ LYS E . -11.95 19.42 8.70
OXT LYS E . -7.79 23.51 5.34
N GLU F . 18.25 -6.53 18.60
CA GLU F . 17.40 -7.63 18.20
C GLU F . 16.14 -7.66 19.06
O GLU F . 15.66 -6.58 19.49
CB GLU F . 18.15 -8.97 18.31
CG GLU F . 19.20 -8.89 19.41
CD GLU F . 20.57 -8.58 18.80
OE1 GLU F . 20.71 -7.58 18.03
OE2 GLU F . 21.56 -9.30 19.06
OXT GLU F . 15.58 -8.76 19.33
N ASP G . -6.90 -14.63 3.14
CA ASP G . -8.29 -14.78 3.53
C ASP G . -9.19 -13.94 2.62
O ASP G . -8.79 -13.59 1.48
CB ASP G . -8.49 -14.37 4.99
CG ASP G . -7.44 -15.03 5.88
OD1 ASP G . -7.01 -16.18 5.58
OD2 ASP G . -7.01 -14.44 6.89
OXT ASP G . -10.34 -13.59 3.01
N LYS H . -0.59 29.03 4.87
CA LYS H . -1.51 27.91 5.02
C LYS H . -1.61 27.14 3.71
O LYS H . -0.90 27.47 2.72
CB LYS H . -2.89 28.41 5.45
CG LYS H . -3.00 28.37 6.96
CD LYS H . -4.45 28.10 7.37
CE LYS H . -4.89 26.76 6.80
NZ LYS H . -6.22 26.43 7.28
OXT LYS H . -2.40 26.16 3.60
N GLU I . -20.06 20.49 5.66
CA GLU I . -19.51 19.78 6.80
C GLU I . -20.59 19.56 7.86
O GLU I . -21.53 20.39 7.98
CB GLU I . -18.33 20.57 7.39
CG GLU I . -17.55 19.68 8.35
CD GLU I . -16.33 20.44 8.87
OE1 GLU I . -16.21 21.67 8.64
OE2 GLU I . -15.45 19.84 9.53
OXT GLU I . -20.55 18.55 8.60
#